data_6SXT
#
_entry.id   6SXT
#
_cell.length_a   112.232
_cell.length_b   112.232
_cell.length_c   342.730
_cell.angle_alpha   90.000
_cell.angle_beta   90.000
_cell.angle_gamma   120.000
#
_symmetry.space_group_name_H-M   'H 3 2'
#
loop_
_entity.id
_entity.type
_entity.pdbx_description
1 polymer 'Alpha-L-arabinofuranosidase B'
2 branched 2-acetamido-2-deoxy-beta-D-glucopyranose-(1-4)-2-acetamido-2-deoxy-beta-D-glucopyranose
3 non-polymer ALANINE
4 non-polymer 2-acetamido-2-deoxy-beta-D-glucopyranose
5 non-polymer 'SULFATE ION'
6 non-polymer [(1~{S},2~{S},3~{S},4~{S})-2-(hydroxymethyl)-3,4-bis(oxidanyl)cyclopentyl]azanium
7 non-polymer 'ACETATE ION'
8 non-polymer DI(HYDROXYETHYL)ETHER
9 non-polymer 'TRIETHYLENE GLYCOL'
10 non-polymer 1,2-ETHANEDIOL
11 water water
#
_entity_poly.entity_id   1
_entity_poly.type   'polypeptide(L)'
_entity_poly.pdbx_seq_one_letter_code
;SMGPCDIYEAGDTPCVAAHSTTRALYSSFSGALYQLQRGSDDTTTTISPLTAGGIADASAQDTFCANTTCLITIIYDQSG
NGNHLTQAPPGGFDGPDTDGYDNLASAIGAPVTLNGQKAYGVFMSPGTGYRNNEATGTATGDEAEGMYAVLDGTHYNDAC
CFDYGNAETSSTDTGAGHMEAIYLGNSTTWGYGAGDGPWIMVDMENNLFSGADEGYNSGDPSISYRFVTAAVKGGADKWA
IRGANAASGSLSTYYSGARPDYSGYNPMSKEGAIILGIGGDNSNGAQGTFYEGVMTSGYPSDDTENSVQENIVAAKYVVG
SLVSGPSFTSGEVVSLRVTTPGYTTRYIAHTDTTVNTQVVDDDSSTTLKEEASWTVVTGLANSQCFSFESVDTPGSYIRH
YNFELLLNANDGTKQFHEDATFCPQAALNGEGTSLRSWSYPTRYFRHYENVLYAASNGGVQTFDSKTSFNNDVSFEIETA
FAS
;
_entity_poly.pdbx_strand_id   A
#
loop_
_chem_comp.id
_chem_comp.type
_chem_comp.name
_chem_comp.formula
ACT non-polymer 'ACETATE ION' 'C2 H3 O2 -1'
EDO non-polymer 1,2-ETHANEDIOL 'C2 H6 O2'
LXE non-polymer [(1~{S},2~{S},3~{S},4~{S})-2-(hydroxymethyl)-3,4-bis(oxidanyl)cyclopentyl]azanium 'C6 H14 N O3 1'
NAG D-saccharide, beta linking 2-acetamido-2-deoxy-beta-D-glucopyranose 'C8 H15 N O6'
PEG non-polymer DI(HYDROXYETHYL)ETHER 'C4 H10 O3'
PGE non-polymer 'TRIETHYLENE GLYCOL' 'C6 H14 O4'
SO4 non-polymer 'SULFATE ION' 'O4 S -2'
#
# COMPACT_ATOMS: atom_id res chain seq x y z
N SER A 1 11.38 4.92 27.77
CA SER A 1 10.05 4.42 27.46
C SER A 1 10.19 3.01 26.85
N MET A 2 9.08 2.45 26.38
CA MET A 2 9.07 1.07 25.83
C MET A 2 8.37 1.15 24.49
N GLY A 3 8.96 0.57 23.47
CA GLY A 3 8.26 0.38 22.20
C GLY A 3 7.54 -0.96 22.17
N PRO A 4 6.77 -1.24 21.09
CA PRO A 4 6.03 -2.49 21.01
C PRO A 4 6.88 -3.71 21.29
N CYS A 5 8.10 -3.80 20.73
CA CYS A 5 8.92 -5.01 20.91
C CYS A 5 9.50 -5.07 22.34
N ASP A 6 9.67 -3.94 23.01
CA ASP A 6 10.09 -3.99 24.42
C ASP A 6 8.95 -4.59 25.25
N ILE A 7 7.71 -4.21 24.92
CA ILE A 7 6.50 -4.71 25.61
C ILE A 7 6.39 -6.21 25.38
N TYR A 8 6.53 -6.68 24.14
CA TYR A 8 6.45 -8.12 23.84
C TYR A 8 7.56 -8.86 24.60
N GLU A 9 8.77 -8.29 24.66
CA GLU A 9 9.89 -8.95 25.37
C GLU A 9 9.53 -9.05 26.86
N ALA A 10 8.96 -8.02 27.44
CA ALA A 10 8.61 -7.99 28.89
C ALA A 10 7.54 -9.06 29.17
N GLY A 11 6.72 -9.43 28.18
CA GLY A 11 5.70 -10.47 28.33
C GLY A 11 6.24 -11.85 28.05
N ASP A 12 7.53 -11.99 27.80
CA ASP A 12 8.26 -13.26 27.52
C ASP A 12 7.73 -13.88 26.23
N THR A 13 7.30 -13.04 25.28
CA THR A 13 6.90 -13.47 23.92
C THR A 13 7.58 -12.49 22.96
N PRO A 14 8.92 -12.54 22.82
CA PRO A 14 9.68 -11.46 22.17
C PRO A 14 9.47 -11.45 20.64
N CYS A 15 9.61 -10.25 20.06
CA CYS A 15 9.63 -10.12 18.60
C CYS A 15 10.77 -10.94 18.02
N VAL A 16 10.48 -11.62 16.94
CA VAL A 16 11.51 -12.27 16.08
C VAL A 16 11.58 -11.63 14.71
N ALA A 17 10.65 -10.72 14.40
CA ALA A 17 10.73 -9.90 13.16
C ALA A 17 9.97 -8.63 13.49
N ALA A 18 10.51 -7.49 13.12
CA ALA A 18 9.91 -6.20 13.52
C ALA A 18 10.12 -5.24 12.35
N HIS A 19 9.05 -4.85 11.71
CA HIS A 19 9.12 -4.16 10.40
C HIS A 19 8.32 -2.84 10.46
N SER A 20 8.94 -1.73 10.13
CA SER A 20 8.18 -0.46 10.03
C SER A 20 8.97 0.53 9.21
N THR A 21 8.27 1.26 8.33
CA THR A 21 8.84 2.39 7.61
C THR A 21 8.56 3.69 8.35
N THR A 22 7.70 3.67 9.35
CA THR A 22 7.32 4.89 10.08
C THR A 22 8.16 5.13 11.32
N ARG A 23 8.49 4.08 12.07
CA ARG A 23 9.13 4.29 13.40
C ARG A 23 9.90 3.09 13.88
N ALA A 24 10.82 3.36 14.80
CA ALA A 24 11.45 2.31 15.59
C ALA A 24 10.42 1.60 16.46
N LEU A 25 10.56 0.30 16.62
CA LEU A 25 9.63 -0.50 17.44
C LEU A 25 10.28 -0.96 18.74
N TYR A 26 11.55 -0.63 18.92
CA TYR A 26 12.29 -0.78 20.21
C TYR A 26 12.75 0.60 20.63
N SER A 27 12.72 0.87 21.93
CA SER A 27 13.14 2.18 22.46
C SER A 27 14.63 2.43 22.16
N SER A 28 15.45 1.43 21.98
CA SER A 28 16.89 1.71 21.79
C SER A 28 17.26 1.57 20.32
N PHE A 29 16.31 1.26 19.42
CA PHE A 29 16.68 1.01 18.01
C PHE A 29 17.00 2.33 17.31
N SER A 30 18.18 2.39 16.68
CA SER A 30 18.61 3.57 15.93
C SER A 30 19.15 3.20 14.56
N GLY A 31 19.01 1.98 14.11
CA GLY A 31 19.49 1.54 12.81
C GLY A 31 18.51 1.85 11.69
N ALA A 32 18.82 1.32 10.52
CA ALA A 32 18.02 1.58 9.33
C ALA A 32 16.65 0.90 9.48
N LEU A 33 15.63 1.66 9.14
CA LEU A 33 14.24 1.16 9.10
C LEU A 33 13.93 0.58 7.74
N TYR A 34 14.40 1.22 6.67
CA TYR A 34 14.11 0.78 5.30
C TYR A 34 15.14 1.35 4.33
N GLN A 35 15.16 0.75 3.15
CA GLN A 35 16.00 1.20 2.03
C GLN A 35 15.12 1.76 0.91
N LEU A 36 15.61 2.82 0.32
CA LEU A 36 15.04 3.46 -0.87
C LEU A 36 15.91 3.19 -2.08
N GLN A 37 15.30 3.17 -3.26
CA GLN A 37 16.01 3.19 -4.55
C GLN A 37 15.36 4.27 -5.39
N ARG A 38 16.13 5.18 -5.94
CA ARG A 38 15.57 6.28 -6.74
C ARG A 38 15.78 6.00 -8.22
N GLY A 39 14.85 6.52 -9.03
CA GLY A 39 14.87 6.19 -10.46
C GLY A 39 15.90 6.95 -11.24
N SER A 40 16.34 8.09 -10.79
CA SER A 40 17.28 8.97 -11.53
C SER A 40 18.60 8.24 -11.79
N ASP A 41 19.15 7.53 -10.80
CA ASP A 41 20.46 6.88 -10.97
C ASP A 41 20.41 5.43 -10.46
N ASP A 42 19.26 4.92 -10.03
CA ASP A 42 19.08 3.57 -9.50
C ASP A 42 19.93 3.30 -8.26
N THR A 43 20.44 4.34 -7.61
CA THR A 43 21.19 4.12 -6.36
C THR A 43 20.23 4.05 -5.17
N THR A 44 20.76 3.66 -4.05
CA THR A 44 19.96 3.44 -2.82
C THR A 44 20.48 4.26 -1.66
N THR A 45 19.63 4.41 -0.65
CA THR A 45 20.03 4.98 0.63
C THR A 45 19.15 4.34 1.68
N THR A 46 19.53 4.54 2.93
CA THR A 46 18.71 4.03 4.05
C THR A 46 18.13 5.18 4.84
N ILE A 47 16.97 4.91 5.46
CA ILE A 47 16.27 5.83 6.36
C ILE A 47 16.23 5.21 7.75
N SER A 48 16.74 5.98 8.71
CA SER A 48 16.79 5.61 10.14
C SER A 48 15.85 6.53 10.90
N PRO A 49 15.57 6.22 12.18
CA PRO A 49 14.84 7.15 13.01
C PRO A 49 15.71 8.37 13.28
N LEU A 50 15.05 9.48 13.56
CA LEU A 50 15.80 10.73 13.87
C LEU A 50 16.40 10.69 15.26
N THR A 51 15.82 9.93 16.16
CA THR A 51 16.32 9.70 17.52
C THR A 51 16.20 8.20 17.78
N ALA A 52 16.97 7.68 18.73
CA ALA A 52 16.81 6.28 19.12
C ALA A 52 15.39 6.06 19.60
N GLY A 53 14.76 5.02 19.09
CA GLY A 53 13.38 4.71 19.45
C GLY A 53 12.37 5.62 18.83
N GLY A 54 12.81 6.42 17.85
CA GLY A 54 11.99 7.50 17.33
C GLY A 54 11.35 7.23 15.97
N ILE A 55 11.09 8.32 15.29
CA ILE A 55 10.30 8.38 14.03
CA ILE A 55 10.30 8.35 14.02
C ILE A 55 11.26 8.46 12.83
N ALA A 56 10.90 7.79 11.73
CA ALA A 56 11.69 7.83 10.51
C ALA A 56 12.04 9.26 10.08
N ASP A 57 13.23 9.40 9.50
CA ASP A 57 13.71 10.67 8.93
C ASP A 57 13.07 10.90 7.55
N ALA A 58 11.82 11.29 7.54
CA ALA A 58 11.06 11.53 6.29
C ALA A 58 11.71 12.66 5.47
N SER A 59 12.35 13.61 6.15
CA SER A 59 13.00 14.71 5.42
C SER A 59 14.15 14.15 4.58
N ALA A 60 14.89 13.19 5.11
CA ALA A 60 15.98 12.54 4.36
C ALA A 60 15.41 11.80 3.15
N GLN A 61 14.24 11.19 3.26
CA GLN A 61 13.61 10.57 2.07
C GLN A 61 13.25 11.63 1.03
N ASP A 62 12.60 12.69 1.47
CA ASP A 62 12.19 13.77 0.55
C ASP A 62 13.44 14.28 -0.19
N THR A 63 14.57 14.45 0.50
CA THR A 63 15.80 14.95 -0.13
C THR A 63 16.30 13.96 -1.16
N PHE A 64 16.37 12.68 -0.80
CA PHE A 64 16.91 11.64 -1.70
C PHE A 64 16.05 11.52 -2.95
N CYS A 65 14.74 11.69 -2.79
CA CYS A 65 13.73 11.39 -3.82
C CYS A 65 13.37 12.65 -4.64
N ALA A 66 13.99 13.80 -4.38
CA ALA A 66 13.65 15.08 -5.04
C ALA A 66 13.83 14.93 -6.56
N ASN A 67 12.86 15.41 -7.35
CA ASN A 67 12.99 15.44 -8.82
C ASN A 67 13.19 14.05 -9.38
N THR A 68 12.63 13.01 -8.74
CA THR A 68 12.65 11.66 -9.27
C THR A 68 11.55 10.87 -8.57
N THR A 69 11.66 9.56 -8.71
CA THR A 69 10.71 8.60 -8.13
C THR A 69 11.49 7.68 -7.20
N CYS A 70 10.82 7.16 -6.19
CA CYS A 70 11.48 6.24 -5.24
C CYS A 70 10.62 5.03 -5.00
N LEU A 71 11.31 3.91 -4.79
CA LEU A 71 10.74 2.63 -4.39
C LEU A 71 11.34 2.25 -3.04
N ILE A 72 10.55 1.58 -2.24
CA ILE A 72 11.03 0.93 -0.99
C ILE A 72 11.55 -0.44 -1.35
N THR A 73 12.87 -0.61 -1.34
CA THR A 73 13.50 -1.90 -1.72
C THR A 73 13.52 -2.89 -0.56
N ILE A 74 13.73 -2.41 0.67
CA ILE A 74 13.90 -3.31 1.83
C ILE A 74 13.17 -2.68 3.00
N ILE A 75 12.43 -3.50 3.72
CA ILE A 75 11.93 -3.12 5.06
C ILE A 75 12.76 -3.96 6.03
N TYR A 76 13.62 -3.30 6.78
CA TYR A 76 14.57 -4.05 7.62
C TYR A 76 13.90 -4.63 8.85
N ASP A 77 14.37 -5.78 9.30
CA ASP A 77 13.97 -6.39 10.57
C ASP A 77 14.74 -5.70 11.68
N GLN A 78 14.05 -5.00 12.58
CA GLN A 78 14.69 -4.26 13.68
C GLN A 78 15.15 -5.20 14.80
N SER A 79 14.74 -6.46 14.79
CA SER A 79 14.92 -7.39 15.95
C SER A 79 16.35 -7.92 15.99
N GLY A 80 17.08 -7.81 14.88
CA GLY A 80 18.43 -8.40 14.84
C GLY A 80 18.43 -9.82 14.33
N ASN A 81 17.28 -10.40 13.98
CA ASN A 81 17.23 -11.77 13.43
C ASN A 81 17.58 -11.81 11.93
N GLY A 82 17.70 -10.67 11.25
CA GLY A 82 18.03 -10.66 9.83
C GLY A 82 16.83 -10.86 8.93
N ASN A 83 15.60 -10.78 9.45
CA ASN A 83 14.38 -11.14 8.70
C ASN A 83 13.90 -9.97 7.83
N HIS A 84 14.78 -9.35 7.07
CA HIS A 84 14.42 -8.18 6.25
C HIS A 84 13.51 -8.60 5.11
N LEU A 85 12.53 -7.77 4.80
CA LEU A 85 11.60 -8.02 3.68
C LEU A 85 12.11 -7.36 2.40
N THR A 86 12.22 -8.16 1.34
CA THR A 86 12.72 -7.76 0.04
C THR A 86 11.69 -8.10 -1.06
N GLN A 87 11.98 -7.68 -2.26
CA GLN A 87 11.05 -7.85 -3.40
C GLN A 87 10.62 -9.31 -3.49
N ALA A 88 9.32 -9.59 -3.47
CA ALA A 88 8.84 -10.96 -3.39
C ALA A 88 9.07 -11.65 -4.74
N PRO A 89 9.51 -12.92 -4.65
CA PRO A 89 9.76 -13.70 -5.87
C PRO A 89 8.54 -14.38 -6.42
N PRO A 90 8.64 -14.86 -7.69
CA PRO A 90 7.57 -15.68 -8.22
C PRO A 90 7.38 -16.96 -7.41
N GLY A 91 6.16 -17.47 -7.39
CA GLY A 91 5.84 -18.71 -6.70
C GLY A 91 4.81 -19.51 -7.50
N GLY A 92 3.77 -19.98 -6.83
CA GLY A 92 2.62 -20.60 -7.50
C GLY A 92 2.05 -19.70 -8.56
N PHE A 93 2.02 -18.37 -8.29
CA PHE A 93 1.66 -17.33 -9.24
C PHE A 93 2.88 -16.47 -9.52
N ASP A 94 2.95 -16.02 -10.76
CA ASP A 94 3.94 -15.01 -11.15
C ASP A 94 3.43 -13.63 -10.74
N GLY A 95 4.35 -12.80 -10.33
CA GLY A 95 4.11 -11.36 -10.23
C GLY A 95 4.32 -10.70 -11.59
N PRO A 96 4.05 -9.39 -11.69
CA PRO A 96 4.10 -8.67 -12.96
C PRO A 96 5.42 -8.02 -13.31
N ASP A 97 6.43 -8.20 -12.44
CA ASP A 97 7.71 -7.52 -12.57
C ASP A 97 8.69 -8.47 -13.27
N THR A 98 9.91 -8.00 -13.43
CA THR A 98 10.99 -8.77 -14.09
C THR A 98 11.08 -10.17 -13.52
N ASP A 99 11.08 -11.18 -14.41
CA ASP A 99 11.26 -12.60 -14.07
C ASP A 99 10.14 -13.08 -13.14
N GLY A 100 8.96 -12.44 -13.14
CA GLY A 100 7.81 -12.83 -12.32
C GLY A 100 7.94 -12.43 -10.85
N TYR A 101 8.93 -11.62 -10.52
CA TYR A 101 8.94 -10.95 -9.19
C TYR A 101 7.74 -10.03 -9.09
N ASP A 102 7.40 -9.74 -7.83
CA ASP A 102 6.36 -8.74 -7.57
C ASP A 102 6.95 -7.34 -7.62
N ASN A 103 6.08 -6.35 -7.80
CA ASN A 103 6.51 -4.94 -7.79
C ASN A 103 6.96 -4.54 -6.35
N LEU A 104 7.91 -3.63 -6.34
CA LEU A 104 8.19 -2.82 -5.12
C LEU A 104 7.15 -1.73 -4.98
N ALA A 105 6.94 -1.31 -3.74
CA ALA A 105 6.06 -0.17 -3.45
C ALA A 105 6.73 1.15 -3.71
N SER A 106 5.92 2.14 -4.09
CA SER A 106 6.31 3.54 -4.04
C SER A 106 6.74 3.88 -2.61
N ALA A 107 7.64 4.84 -2.48
CA ALA A 107 7.94 5.38 -1.15
C ALA A 107 6.96 6.44 -0.69
N ILE A 108 6.01 6.90 -1.52
CA ILE A 108 5.22 8.13 -1.20
C ILE A 108 3.72 7.90 -1.30
N GLY A 109 3.26 6.67 -1.40
CA GLY A 109 1.82 6.45 -1.50
C GLY A 109 1.07 6.51 -0.19
N ALA A 110 1.76 6.52 0.96
CA ALA A 110 1.09 6.42 2.27
C ALA A 110 1.70 7.42 3.25
N PRO A 111 1.61 8.71 2.98
CA PRO A 111 2.08 9.71 3.93
C PRO A 111 1.18 9.73 5.16
N VAL A 112 1.79 9.89 6.31
CA VAL A 112 1.13 10.03 7.62
C VAL A 112 1.89 11.08 8.42
N THR A 113 1.33 11.43 9.57
CA THR A 113 2.13 12.02 10.64
C THR A 113 2.01 11.10 11.84
N LEU A 114 3.08 11.01 12.60
CA LEU A 114 3.11 10.36 13.93
C LEU A 114 3.38 11.45 14.95
N ASN A 115 2.38 11.77 15.75
CA ASN A 115 2.41 12.91 16.71
C ASN A 115 2.96 14.18 16.01
N GLY A 116 2.48 14.43 14.82
CA GLY A 116 2.76 15.64 14.03
C GLY A 116 4.00 15.61 13.17
N GLN A 117 4.79 14.55 13.19
CA GLN A 117 6.02 14.41 12.39
C GLN A 117 5.69 13.53 11.19
N LYS A 118 6.05 13.97 10.00
CA LYS A 118 5.76 13.22 8.76
C LYS A 118 6.53 11.89 8.74
N ALA A 119 5.87 10.87 8.22
CA ALA A 119 6.51 9.60 7.89
C ALA A 119 5.74 8.96 6.76
N TYR A 120 6.29 7.87 6.24
CA TYR A 120 5.76 7.20 5.04
C TYR A 120 5.53 5.73 5.31
N GLY A 121 4.30 5.25 5.01
CA GLY A 121 3.99 3.84 5.02
C GLY A 121 4.22 3.17 3.69
N VAL A 122 3.81 1.92 3.62
CA VAL A 122 4.04 1.07 2.43
C VAL A 122 2.70 0.86 1.74
N PHE A 123 2.45 1.64 0.70
CA PHE A 123 1.19 1.58 -0.06
C PHE A 123 1.37 0.54 -1.17
N MET A 124 0.61 -0.52 -1.11
CA MET A 124 0.82 -1.67 -2.00
C MET A 124 -0.38 -1.79 -2.94
N SER A 125 -0.11 -1.59 -4.24
CA SER A 125 -1.05 -1.79 -5.34
C SER A 125 -1.04 -3.25 -5.74
N PRO A 126 -2.10 -3.71 -6.45
CA PRO A 126 -2.11 -5.10 -6.91
C PRO A 126 -0.85 -5.41 -7.71
N GLY A 127 -0.20 -6.49 -7.32
CA GLY A 127 1.05 -6.92 -7.95
C GLY A 127 2.28 -6.60 -7.12
N THR A 128 2.10 -5.85 -6.04
CA THR A 128 3.18 -5.47 -5.12
C THR A 128 3.32 -6.53 -4.02
N GLY A 129 4.56 -6.82 -3.61
CA GLY A 129 4.79 -7.83 -2.58
C GLY A 129 6.19 -7.83 -2.07
N TYR A 130 6.33 -8.19 -0.79
CA TYR A 130 7.61 -8.40 -0.11
C TYR A 130 7.61 -9.76 0.58
N ARG A 131 8.82 -10.28 0.81
CA ARG A 131 8.96 -11.64 1.39
C ARG A 131 10.32 -11.84 1.97
N ASN A 132 10.40 -12.81 2.88
CA ASN A 132 11.70 -13.35 3.34
C ASN A 132 11.48 -14.86 3.50
N ASN A 133 12.03 -15.66 2.59
CA ASN A 133 11.92 -17.13 2.66
C ASN A 133 13.07 -17.77 3.43
N GLU A 134 14.00 -16.99 3.95
CA GLU A 134 15.15 -17.52 4.75
C GLU A 134 15.12 -16.96 6.17
N ALA A 135 13.94 -16.89 6.76
CA ALA A 135 13.73 -16.22 8.04
C ALA A 135 14.20 -17.11 9.17
N THR A 136 14.70 -16.51 10.21
CA THR A 136 15.15 -17.29 11.39
C THR A 136 14.45 -16.79 12.62
N GLY A 137 14.18 -17.73 13.52
CA GLY A 137 13.50 -17.42 14.77
C GLY A 137 11.98 -17.46 14.71
N THR A 138 11.40 -17.45 13.51
CA THR A 138 9.94 -17.49 13.35
C THR A 138 9.45 -18.86 13.74
N ALA A 139 8.20 -18.90 14.19
CA ALA A 139 7.57 -20.17 14.59
C ALA A 139 7.40 -21.09 13.38
N THR A 140 7.62 -22.39 13.62
CA THR A 140 7.37 -23.44 12.61
C THR A 140 6.51 -24.53 13.23
N GLY A 141 5.92 -25.36 12.38
CA GLY A 141 5.09 -26.45 12.86
C GLY A 141 3.94 -25.90 13.69
N ASP A 142 3.73 -26.44 14.89
CA ASP A 142 2.59 -26.03 15.75
C ASP A 142 3.07 -25.05 16.81
N GLU A 143 4.27 -24.49 16.68
CA GLU A 143 4.82 -23.58 17.70
C GLU A 143 3.96 -22.30 17.78
N ALA A 144 3.93 -21.73 18.97
CA ALA A 144 3.15 -20.52 19.24
C ALA A 144 3.84 -19.31 18.62
N GLU A 145 2.98 -18.38 18.21
CA GLU A 145 3.45 -17.06 17.75
C GLU A 145 2.33 -16.03 17.94
N GLY A 146 2.74 -14.78 17.96
CA GLY A 146 1.82 -13.65 17.77
C GLY A 146 2.34 -12.75 16.69
N MET A 147 1.48 -11.84 16.26
CA MET A 147 1.82 -10.85 15.25
C MET A 147 0.85 -9.69 15.42
N TYR A 148 1.26 -8.53 14.92
CA TYR A 148 0.29 -7.44 14.71
C TYR A 148 0.74 -6.63 13.50
N ALA A 149 -0.19 -5.86 12.95
CA ALA A 149 0.12 -4.85 11.96
C ALA A 149 -0.78 -3.67 12.18
N VAL A 150 -0.27 -2.49 11.84
CA VAL A 150 -1.12 -1.29 11.71
C VAL A 150 -1.27 -1.04 10.22
N LEU A 151 -2.50 -1.05 9.76
CA LEU A 151 -2.89 -1.01 8.34
C LEU A 151 -3.88 0.13 8.10
N ASP A 152 -4.05 0.46 6.83
CA ASP A 152 -5.09 1.42 6.35
C ASP A 152 -6.37 0.63 6.19
N GLY A 153 -7.33 0.81 7.08
CA GLY A 153 -8.58 0.06 6.97
C GLY A 153 -9.44 0.46 5.78
N THR A 154 -9.09 1.48 5.03
CA THR A 154 -9.84 1.96 3.86
C THR A 154 -9.16 1.55 2.56
N HIS A 155 -7.95 0.97 2.60
CA HIS A 155 -7.21 0.61 1.37
C HIS A 155 -7.18 -0.90 1.25
N TYR A 156 -8.00 -1.48 0.39
CA TYR A 156 -8.18 -2.94 0.37
C TYR A 156 -8.89 -3.29 -0.92
N ASN A 157 -8.92 -4.58 -1.23
CA ASN A 157 -9.83 -5.10 -2.26
C ASN A 157 -10.26 -6.50 -1.84
N ASP A 158 -10.82 -7.27 -2.79
CA ASP A 158 -11.42 -8.58 -2.51
C ASP A 158 -10.61 -9.66 -3.22
N ALA A 159 -9.41 -9.34 -3.70
CA ALA A 159 -8.55 -10.29 -4.43
C ALA A 159 -7.57 -10.93 -3.48
N CYS A 160 -7.13 -12.16 -3.75
CA CYS A 160 -6.19 -12.84 -2.84
C CYS A 160 -4.79 -12.26 -3.08
N CYS A 161 -4.07 -11.84 -2.04
CA CYS A 161 -4.47 -11.77 -0.66
C CYS A 161 -3.58 -10.73 0.03
N PHE A 162 -4.15 -9.80 0.79
CA PHE A 162 -3.31 -8.77 1.45
C PHE A 162 -2.95 -9.31 2.83
N ASP A 163 -1.83 -10.00 2.91
CA ASP A 163 -1.41 -10.73 4.11
C ASP A 163 -0.15 -10.12 4.75
N TYR A 164 0.00 -10.34 6.04
CA TYR A 164 1.27 -10.13 6.75
C TYR A 164 1.42 -11.26 7.74
N GLY A 165 2.50 -12.04 7.61
CA GLY A 165 2.82 -13.06 8.60
C GLY A 165 3.47 -14.30 8.03
N ASN A 166 3.17 -15.44 8.64
CA ASN A 166 3.96 -16.69 8.50
C ASN A 166 3.48 -17.44 7.25
N ALA A 167 4.42 -17.86 6.41
CA ALA A 167 4.07 -18.51 5.16
C ALA A 167 5.09 -19.58 4.73
N GLU A 168 4.90 -20.06 3.51
CA GLU A 168 5.67 -21.18 2.97
C GLU A 168 7.01 -20.70 2.46
N THR A 169 8.08 -21.46 2.69
CA THR A 169 9.41 -21.06 2.22
C THR A 169 9.57 -21.25 0.71
N SER A 170 8.73 -22.05 0.07
CA SER A 170 8.81 -22.29 -1.39
C SER A 170 8.06 -21.25 -2.22
N SER A 171 7.25 -20.37 -1.61
CA SER A 171 6.35 -19.46 -2.34
C SER A 171 5.26 -20.25 -3.07
N THR A 172 4.97 -21.47 -2.61
CA THR A 172 3.89 -22.27 -3.22
C THR A 172 2.94 -22.79 -2.15
N ASP A 173 1.75 -23.20 -2.59
CA ASP A 173 0.71 -23.78 -1.71
C ASP A 173 1.12 -25.21 -1.34
N THR A 174 1.59 -25.41 -0.13
CA THR A 174 1.96 -26.72 0.43
C THR A 174 0.87 -27.28 1.34
N GLY A 175 -0.29 -26.63 1.38
CA GLY A 175 -1.47 -27.20 2.03
C GLY A 175 -2.02 -26.44 3.21
N ALA A 176 -3.19 -26.89 3.64
CA ALA A 176 -3.84 -26.38 4.86
C ALA A 176 -2.86 -26.41 6.02
N GLY A 177 -2.79 -25.32 6.80
CA GLY A 177 -1.95 -25.24 7.98
C GLY A 177 -0.52 -24.78 7.73
N HIS A 178 -0.17 -24.52 6.48
CA HIS A 178 1.20 -24.11 6.10
C HIS A 178 1.30 -22.57 6.01
N MET A 179 0.35 -21.90 6.63
CA MET A 179 0.37 -20.42 6.74
C MET A 179 -0.30 -20.04 8.04
N GLU A 180 0.11 -18.90 8.58
CA GLU A 180 -0.68 -18.20 9.62
C GLU A 180 -0.35 -16.71 9.52
N ALA A 181 -1.23 -15.99 8.87
CA ALA A 181 -0.98 -14.57 8.56
C ALA A 181 -2.26 -13.76 8.71
N ILE A 182 -2.07 -12.52 9.13
CA ILE A 182 -3.11 -11.47 9.05
C ILE A 182 -3.55 -11.28 7.61
N TYR A 183 -4.85 -11.22 7.40
CA TYR A 183 -5.43 -10.80 6.13
C TYR A 183 -6.34 -9.58 6.40
N LEU A 184 -6.33 -8.61 5.50
CA LEU A 184 -7.30 -7.49 5.54
C LEU A 184 -7.84 -7.26 4.14
N GLY A 185 -9.18 -7.33 3.99
CA GLY A 185 -9.81 -7.09 2.70
C GLY A 185 -11.24 -7.61 2.73
N ASN A 186 -11.91 -7.55 1.58
CA ASN A 186 -13.32 -8.02 1.57
C ASN A 186 -13.46 -9.20 0.63
N SER A 187 -12.43 -10.01 0.51
CA SER A 187 -12.61 -11.36 -0.07
C SER A 187 -13.78 -12.04 0.62
N THR A 188 -14.65 -12.73 -0.16
CA THR A 188 -15.62 -13.68 0.44
C THR A 188 -15.51 -15.06 -0.23
N THR A 189 -14.37 -15.35 -0.82
CA THR A 189 -14.08 -16.66 -1.45
C THR A 189 -14.07 -17.76 -0.39
N TRP A 190 -13.53 -17.46 0.77
CA TRP A 190 -13.46 -18.39 1.91
C TRP A 190 -14.30 -17.81 3.06
N GLY A 191 -13.67 -17.13 4.00
CA GLY A 191 -14.35 -16.59 5.16
C GLY A 191 -14.79 -15.16 4.91
N TYR A 192 -15.65 -14.70 5.81
CA TYR A 192 -16.07 -13.29 5.87
C TYR A 192 -16.85 -13.09 7.16
N GLY A 193 -17.01 -11.81 7.53
CA GLY A 193 -17.65 -11.42 8.77
C GLY A 193 -18.98 -10.69 8.51
N ALA A 194 -19.41 -9.99 9.53
CA ALA A 194 -20.65 -9.16 9.53
C ALA A 194 -20.49 -7.97 8.59
N GLY A 195 -21.57 -7.55 7.93
CA GLY A 195 -21.58 -6.33 7.09
C GLY A 195 -20.92 -6.50 5.75
N ASP A 196 -20.38 -5.40 5.22
CA ASP A 196 -19.87 -5.32 3.83
C ASP A 196 -18.32 -5.37 3.77
N GLY A 197 -17.67 -5.51 4.93
CA GLY A 197 -16.19 -5.60 4.93
C GLY A 197 -15.58 -4.20 4.94
N PRO A 198 -14.24 -4.11 4.96
CA PRO A 198 -13.36 -5.29 4.98
C PRO A 198 -13.31 -5.94 6.34
N TRP A 199 -12.66 -7.10 6.44
CA TRP A 199 -12.55 -7.90 7.66
C TRP A 199 -11.08 -8.20 7.88
N ILE A 200 -10.71 -8.27 9.15
CA ILE A 200 -9.44 -8.93 9.55
C ILE A 200 -9.75 -10.40 9.63
N MET A 201 -8.98 -11.19 8.89
CA MET A 201 -9.14 -12.66 8.98
C MET A 201 -7.74 -13.26 9.14
N VAL A 202 -7.69 -14.57 9.28
CA VAL A 202 -6.39 -15.26 9.38
C VAL A 202 -6.28 -16.21 8.20
N ASP A 203 -5.22 -16.04 7.45
CA ASP A 203 -4.92 -16.92 6.30
C ASP A 203 -4.16 -18.09 6.87
N MET A 204 -4.78 -19.29 6.77
CA MET A 204 -4.14 -20.54 7.24
C MET A 204 -3.87 -21.46 6.04
N GLU A 205 -3.97 -20.92 4.85
CA GLU A 205 -3.81 -21.58 3.52
C GLU A 205 -5.08 -22.40 3.20
N ASN A 206 -5.55 -22.17 1.99
CA ASN A 206 -6.81 -22.71 1.42
C ASN A 206 -7.96 -22.31 2.32
N ASN A 207 -7.84 -21.17 2.98
CA ASN A 207 -8.90 -20.61 3.83
C ASN A 207 -8.39 -19.29 4.40
N LEU A 208 -9.23 -18.27 4.31
CA LEU A 208 -9.19 -17.08 5.21
C LEU A 208 -10.28 -17.33 6.22
N PHE A 209 -9.95 -17.35 7.47
CA PHE A 209 -10.89 -17.61 8.57
C PHE A 209 -11.24 -16.32 9.28
N SER A 210 -12.54 -16.11 9.44
CA SER A 210 -13.10 -15.01 10.25
C SER A 210 -13.52 -15.53 11.63
N GLY A 211 -13.24 -16.79 11.92
CA GLY A 211 -13.48 -17.44 13.21
C GLY A 211 -13.43 -18.95 13.05
N ALA A 212 -14.03 -19.68 13.99
CA ALA A 212 -13.98 -21.16 14.02
C ALA A 212 -14.56 -21.79 12.76
N ASP A 213 -15.60 -21.22 12.15
CA ASP A 213 -16.33 -21.85 11.07
C ASP A 213 -15.77 -21.43 9.72
N GLU A 214 -15.73 -22.33 8.73
CA GLU A 214 -15.54 -21.90 7.33
C GLU A 214 -16.64 -20.93 6.96
N GLY A 215 -16.31 -19.95 6.10
CA GLY A 215 -17.28 -18.92 5.64
C GLY A 215 -17.65 -17.89 6.71
N TYR A 216 -18.94 -17.65 6.95
CA TYR A 216 -19.44 -16.57 7.84
C TYR A 216 -19.16 -16.85 9.31
N ASN A 217 -18.68 -15.85 10.03
CA ASN A 217 -18.63 -15.81 11.50
C ASN A 217 -19.14 -14.44 11.91
N SER A 218 -20.22 -14.43 12.70
CA SER A 218 -20.98 -13.19 13.02
C SER A 218 -20.12 -12.28 13.87
N GLY A 219 -19.17 -12.82 14.62
CA GLY A 219 -18.46 -12.04 15.62
C GLY A 219 -17.29 -11.25 15.02
N ASP A 220 -17.06 -11.40 13.72
CA ASP A 220 -15.94 -10.65 13.06
C ASP A 220 -16.54 -9.45 12.36
N PRO A 221 -16.37 -8.24 12.90
CA PRO A 221 -17.04 -7.08 12.32
C PRO A 221 -16.34 -6.49 11.11
N SER A 222 -17.07 -5.73 10.30
CA SER A 222 -16.50 -4.84 9.27
C SER A 222 -15.60 -3.82 9.96
N ILE A 223 -14.45 -3.54 9.37
CA ILE A 223 -13.51 -2.51 9.88
C ILE A 223 -13.91 -1.14 9.33
N SER A 224 -14.15 -0.18 10.20
N SER A 224 -14.08 -0.14 10.19
CA SER A 224 -14.40 1.21 9.77
CA SER A 224 -14.40 1.25 9.78
C SER A 224 -13.43 2.11 10.53
C SER A 224 -13.11 2.08 9.75
N TYR A 225 -12.15 1.70 10.58
CA TYR A 225 -11.09 2.63 11.02
C TYR A 225 -10.12 2.92 9.90
N ARG A 226 -9.74 4.19 9.80
CA ARG A 226 -8.71 4.60 8.85
C ARG A 226 -7.35 3.97 9.21
N PHE A 227 -7.02 3.88 10.46
CA PHE A 227 -5.83 3.15 10.93
C PHE A 227 -6.34 2.02 11.81
N VAL A 228 -6.06 0.79 11.41
CA VAL A 228 -6.52 -0.40 12.14
C VAL A 228 -5.35 -1.13 12.73
N THR A 229 -5.44 -1.50 14.01
CA THR A 229 -4.51 -2.46 14.61
C THR A 229 -5.11 -3.83 14.46
N ALA A 230 -4.42 -4.72 13.74
CA ALA A 230 -4.84 -6.14 13.64
C ALA A 230 -3.86 -6.93 14.47
N ALA A 231 -4.31 -7.71 15.45
CA ALA A 231 -3.43 -8.52 16.30
C ALA A 231 -3.92 -9.97 16.20
N VAL A 232 -3.01 -10.85 15.82
CA VAL A 232 -3.36 -12.28 15.57
C VAL A 232 -2.37 -13.13 16.34
N LYS A 233 -2.82 -14.26 16.88
CA LYS A 233 -1.90 -15.17 17.59
C LYS A 233 -2.42 -16.58 17.43
N GLY A 234 -1.48 -17.52 17.46
CA GLY A 234 -1.79 -18.93 17.24
C GLY A 234 -0.88 -19.79 18.07
N GLY A 235 -1.45 -20.85 18.64
CA GLY A 235 -0.66 -21.85 19.37
C GLY A 235 -1.30 -23.21 19.13
N ALA A 236 -1.07 -24.11 20.08
CA ALA A 236 -1.54 -25.53 19.98
C ALA A 236 -3.06 -25.58 20.14
N ASP A 237 -3.74 -25.71 19.04
CA ASP A 237 -5.21 -25.74 18.90
C ASP A 237 -5.81 -24.52 19.61
N LYS A 238 -5.15 -23.37 19.44
CA LYS A 238 -5.80 -22.10 19.88
C LYS A 238 -5.33 -21.00 18.93
N TRP A 239 -6.19 -20.02 18.67
CA TRP A 239 -5.77 -18.82 17.90
C TRP A 239 -6.76 -17.71 18.17
N ALA A 240 -6.41 -16.49 17.76
CA ALA A 240 -7.28 -15.35 18.05
C ALA A 240 -7.11 -14.24 17.02
N ILE A 241 -8.16 -13.48 16.85
CA ILE A 241 -8.20 -12.23 16.06
C ILE A 241 -8.61 -11.15 17.03
N ARG A 242 -7.83 -10.08 17.09
CA ARG A 242 -8.20 -8.88 17.86
C ARG A 242 -8.01 -7.66 16.96
N GLY A 243 -8.83 -6.65 17.15
CA GLY A 243 -8.78 -5.46 16.30
C GLY A 243 -9.02 -4.23 17.15
N ALA A 244 -8.47 -3.13 16.71
CA ALA A 244 -8.63 -1.81 17.35
C ALA A 244 -8.54 -0.74 16.30
N ASN A 245 -9.09 0.45 16.65
CA ASN A 245 -8.71 1.73 16.01
C ASN A 245 -7.31 2.06 16.49
N ALA A 246 -6.32 2.06 15.59
CA ALA A 246 -4.93 2.33 15.97
C ALA A 246 -4.79 3.78 16.49
N ALA A 247 -5.77 4.65 16.20
CA ALA A 247 -5.73 6.05 16.67
C ALA A 247 -6.44 6.22 18.01
N SER A 248 -7.19 5.25 18.51
CA SER A 248 -8.01 5.50 19.73
C SER A 248 -8.46 4.19 20.38
N GLY A 249 -8.32 4.09 21.71
CA GLY A 249 -9.04 3.03 22.44
C GLY A 249 -8.32 1.71 22.40
N SER A 250 -9.08 0.63 22.63
CA SER A 250 -8.49 -0.68 22.99
C SER A 250 -8.78 -1.70 21.88
N LEU A 251 -8.07 -2.82 21.99
CA LEU A 251 -8.34 -4.04 21.20
C LEU A 251 -9.63 -4.69 21.71
N SER A 252 -10.42 -5.18 20.78
CA SER A 252 -11.55 -6.08 21.07
C SER A 252 -11.21 -7.43 20.45
N THR A 253 -11.71 -8.51 21.05
CA THR A 253 -11.43 -9.85 20.56
C THR A 253 -12.60 -10.30 19.68
N TYR A 254 -12.33 -10.62 18.43
CA TYR A 254 -13.41 -11.07 17.53
CA TYR A 254 -13.30 -11.03 17.39
C TYR A 254 -13.37 -12.57 17.29
N TYR A 255 -12.29 -13.22 17.57
CA TYR A 255 -12.24 -14.70 17.68
C TYR A 255 -11.20 -15.04 18.70
N SER A 256 -11.46 -16.09 19.47
CA SER A 256 -10.46 -16.71 20.37
C SER A 256 -10.89 -18.12 20.69
N GLY A 257 -10.04 -19.08 20.38
CA GLY A 257 -10.39 -20.45 20.72
C GLY A 257 -9.82 -21.42 19.75
N ALA A 258 -10.44 -22.60 19.67
CA ALA A 258 -9.87 -23.74 18.97
C ALA A 258 -9.62 -23.48 17.49
N ARG A 259 -8.68 -24.25 16.91
CA ARG A 259 -8.53 -24.26 15.46
C ARG A 259 -9.81 -24.68 14.76
N PRO A 260 -10.07 -24.19 13.53
CA PRO A 260 -11.23 -24.56 12.76
C PRO A 260 -11.22 -26.10 12.64
N ASP A 261 -12.37 -26.73 12.88
CA ASP A 261 -12.47 -28.21 12.93
C ASP A 261 -12.60 -28.68 11.46
N TYR A 262 -11.58 -28.48 10.63
CA TYR A 262 -11.48 -28.93 9.21
C TYR A 262 -10.09 -29.54 9.03
N SER A 263 -9.97 -30.58 8.17
CA SER A 263 -8.72 -31.35 8.01
C SER A 263 -7.56 -30.41 7.69
N GLY A 264 -6.49 -30.52 8.45
CA GLY A 264 -5.19 -29.92 8.10
C GLY A 264 -4.92 -28.66 8.90
N TYR A 265 -5.81 -28.22 9.80
CA TYR A 265 -5.56 -27.00 10.62
C TYR A 265 -5.18 -27.29 12.05
N ASN A 266 -5.05 -28.58 12.48
CA ASN A 266 -4.55 -28.87 13.81
C ASN A 266 -3.93 -30.26 13.79
N PRO A 267 -2.66 -30.41 14.19
CA PRO A 267 -1.74 -29.30 14.43
C PRO A 267 -1.47 -28.54 13.13
N MET A 268 -0.92 -27.32 13.30
CA MET A 268 -0.47 -26.51 12.14
C MET A 268 0.89 -27.02 11.66
N SER A 269 1.26 -26.60 10.45
CA SER A 269 2.50 -26.95 9.74
C SER A 269 3.23 -25.67 9.29
N LYS A 270 3.43 -24.73 10.19
CA LYS A 270 3.99 -23.43 9.73
C LYS A 270 5.42 -23.63 9.26
N GLU A 271 5.83 -22.83 8.28
CA GLU A 271 7.16 -23.00 7.66
C GLU A 271 8.12 -21.87 8.05
N GLY A 272 7.62 -20.75 8.60
CA GLY A 272 8.49 -19.69 9.13
C GLY A 272 8.89 -18.61 8.13
N ALA A 273 8.45 -18.63 6.89
CA ALA A 273 8.72 -17.53 5.95
C ALA A 273 7.86 -16.34 6.36
N ILE A 274 8.20 -15.16 5.87
CA ILE A 274 7.39 -13.97 6.13
C ILE A 274 6.95 -13.37 4.81
N ILE A 275 5.66 -13.03 4.73
CA ILE A 275 5.10 -12.37 3.52
C ILE A 275 4.49 -11.04 3.91
N LEU A 276 4.45 -10.12 2.99
CA LEU A 276 3.72 -8.84 3.17
C LEU A 276 3.06 -8.48 1.84
N GLY A 277 1.74 -8.42 1.83
CA GLY A 277 0.98 -7.86 0.70
C GLY A 277 0.44 -8.89 -0.26
N ILE A 278 0.80 -10.16 -0.06
CA ILE A 278 0.59 -11.27 -1.02
C ILE A 278 0.18 -12.51 -0.25
N GLY A 279 -0.37 -13.50 -0.96
CA GLY A 279 -0.57 -14.81 -0.35
C GLY A 279 0.67 -15.68 -0.36
N GLY A 280 0.62 -16.78 0.36
CA GLY A 280 1.82 -17.61 0.52
C GLY A 280 2.24 -18.26 -0.79
N ASP A 281 1.31 -18.43 -1.72
CA ASP A 281 1.62 -18.97 -3.08
C ASP A 281 1.95 -17.85 -4.06
N ASN A 282 2.23 -16.64 -3.55
CA ASN A 282 2.45 -15.42 -4.35
C ASN A 282 1.17 -14.93 -5.04
N SER A 283 -0.01 -15.30 -4.58
CA SER A 283 -1.24 -14.63 -5.03
C SER A 283 -1.01 -13.14 -4.88
N ASN A 284 -1.14 -12.37 -5.93
CA ASN A 284 -0.71 -10.94 -5.93
C ASN A 284 -1.78 -10.00 -6.48
N GLY A 285 -3.04 -10.27 -6.22
CA GLY A 285 -4.13 -9.41 -6.70
C GLY A 285 -4.56 -8.34 -5.70
N ALA A 286 -4.09 -8.44 -4.45
CA ALA A 286 -4.62 -7.60 -3.35
C ALA A 286 -3.93 -6.25 -3.31
N GLN A 287 -4.55 -5.35 -2.59
CA GLN A 287 -3.96 -4.05 -2.27
C GLN A 287 -4.17 -3.77 -0.79
N GLY A 288 -3.34 -2.87 -0.25
CA GLY A 288 -3.39 -2.49 1.17
C GLY A 288 -2.21 -1.64 1.53
N THR A 289 -2.23 -1.12 2.74
CA THR A 289 -1.14 -0.29 3.21
C THR A 289 -0.68 -0.79 4.57
N PHE A 290 0.62 -0.95 4.70
CA PHE A 290 1.29 -1.41 5.93
C PHE A 290 2.11 -0.28 6.51
N TYR A 291 1.94 0.00 7.80
CA TYR A 291 2.73 1.05 8.48
C TYR A 291 3.78 0.42 9.42
N GLU A 292 3.40 -0.57 10.20
CA GLU A 292 4.29 -1.23 11.17
C GLU A 292 3.72 -2.60 11.50
N GLY A 293 4.58 -3.49 11.93
CA GLY A 293 4.09 -4.80 12.39
C GLY A 293 5.25 -5.63 12.88
N VAL A 294 4.89 -6.71 13.56
CA VAL A 294 5.87 -7.64 14.12
C VAL A 294 5.35 -9.06 14.04
N MET A 295 6.28 -10.00 14.24
CA MET A 295 5.98 -11.41 14.56
C MET A 295 6.78 -11.76 15.79
N THR A 296 6.18 -12.56 16.66
CA THR A 296 6.77 -12.96 17.95
C THR A 296 6.99 -14.45 18.02
N SER A 297 7.83 -14.86 18.97
CA SER A 297 7.91 -16.26 19.43
CA SER A 297 7.88 -16.27 19.41
C SER A 297 7.07 -16.38 20.69
N GLY A 298 6.24 -17.37 20.81
CA GLY A 298 5.35 -17.51 21.96
C GLY A 298 4.00 -16.87 21.67
N TYR A 299 3.05 -17.16 22.52
CA TYR A 299 1.65 -16.75 22.38
C TYR A 299 1.39 -15.57 23.28
N PRO A 300 1.30 -14.32 22.76
CA PRO A 300 1.23 -13.17 23.66
C PRO A 300 -0.05 -13.15 24.47
N SER A 301 0.09 -12.69 25.71
CA SER A 301 -1.09 -12.46 26.57
C SER A 301 -1.92 -11.32 26.00
N ASP A 302 -3.22 -11.31 26.34
CA ASP A 302 -4.06 -10.16 26.02
C ASP A 302 -3.44 -8.89 26.63
N ASP A 303 -2.91 -8.99 27.84
CA ASP A 303 -2.34 -7.82 28.54
CA ASP A 303 -2.33 -7.83 28.56
C ASP A 303 -1.18 -7.25 27.72
N THR A 304 -0.32 -8.11 27.22
CA THR A 304 0.86 -7.65 26.44
C THR A 304 0.35 -6.91 25.21
N GLU A 305 -0.58 -7.51 24.47
CA GLU A 305 -1.16 -6.83 23.30
C GLU A 305 -1.85 -5.53 23.66
N ASN A 306 -2.56 -5.47 24.79
CA ASN A 306 -3.22 -4.22 25.19
C ASN A 306 -2.17 -3.13 25.40
N SER A 307 -1.04 -3.47 25.98
CA SER A 307 0.06 -2.50 26.22
C SER A 307 0.60 -2.03 24.86
N VAL A 308 0.80 -2.96 23.93
CA VAL A 308 1.22 -2.61 22.55
C VAL A 308 0.23 -1.63 21.93
N GLN A 309 -1.09 -1.89 22.04
CA GLN A 309 -2.14 -1.02 21.47
C GLN A 309 -2.08 0.37 22.12
N GLU A 310 -1.82 0.43 23.43
CA GLU A 310 -1.69 1.74 24.13
C GLU A 310 -0.49 2.51 23.53
N ASN A 311 0.58 1.81 23.22
CA ASN A 311 1.79 2.40 22.61
C ASN A 311 1.43 2.93 21.21
N ILE A 312 0.75 2.12 20.39
CA ILE A 312 0.32 2.54 19.03
C ILE A 312 -0.51 3.80 19.11
N VAL A 313 -1.49 3.85 19.98
CA VAL A 313 -2.37 5.03 20.15
C VAL A 313 -1.47 6.23 20.52
N ALA A 314 -0.52 6.03 21.37
CA ALA A 314 0.35 7.17 21.78
C ALA A 314 1.27 7.62 20.65
N ALA A 315 1.54 6.79 19.66
CA ALA A 315 2.29 7.21 18.46
C ALA A 315 1.51 8.22 17.63
N LYS A 316 0.19 8.29 17.78
CA LYS A 316 -0.68 9.31 17.17
C LYS A 316 -0.56 9.37 15.65
N TYR A 317 -0.97 8.28 15.02
CA TYR A 317 -1.12 8.21 13.56
C TYR A 317 -2.26 9.12 13.10
N VAL A 318 -1.96 9.94 12.13
CA VAL A 318 -2.90 10.83 11.43
C VAL A 318 -2.58 10.78 9.93
N VAL A 319 -3.61 10.87 9.11
CA VAL A 319 -3.43 10.95 7.64
CA VAL A 319 -3.39 10.93 7.64
C VAL A 319 -2.52 12.13 7.31
N GLY A 320 -1.56 11.90 6.42
CA GLY A 320 -0.65 12.92 5.92
C GLY A 320 -1.11 13.52 4.60
N SER A 321 -0.45 14.56 4.14
CA SER A 321 -0.81 15.17 2.84
C SER A 321 -0.31 14.32 1.68
N LEU A 322 -1.19 14.03 0.74
CA LEU A 322 -0.84 13.35 -0.52
C LEU A 322 -0.48 14.34 -1.64
N VAL A 323 -0.58 15.64 -1.41
CA VAL A 323 -0.52 16.64 -2.51
C VAL A 323 0.62 17.60 -2.27
N SER A 324 1.29 17.96 -3.34
CA SER A 324 2.26 19.06 -3.34
C SER A 324 2.17 19.81 -4.66
N GLY A 325 2.92 20.92 -4.74
CA GLY A 325 2.94 21.71 -5.98
C GLY A 325 1.70 22.57 -6.12
N PRO A 326 1.55 23.22 -7.29
CA PRO A 326 0.44 24.12 -7.51
C PRO A 326 -0.96 23.54 -7.27
N SER A 327 -1.18 22.31 -7.61
CA SER A 327 -2.56 21.78 -7.31
C SER A 327 -3.76 22.62 -7.88
N PHE A 328 -4.96 22.30 -7.41
CA PHE A 328 -6.26 22.59 -8.06
C PHE A 328 -7.31 22.89 -7.02
N THR A 329 -8.46 23.42 -7.46
CA THR A 329 -9.69 23.59 -6.64
CA THR A 329 -9.67 23.49 -6.60
C THR A 329 -10.84 22.92 -7.38
N SER A 330 -11.73 22.28 -6.67
CA SER A 330 -12.89 21.61 -7.28
C SER A 330 -13.74 22.62 -8.07
N GLY A 331 -14.01 22.29 -9.31
CA GLY A 331 -14.83 23.16 -10.21
C GLY A 331 -13.97 24.01 -11.13
N GLU A 332 -12.67 24.15 -10.88
CA GLU A 332 -11.70 24.78 -11.79
C GLU A 332 -11.71 24.05 -13.13
N VAL A 333 -11.62 24.78 -14.24
CA VAL A 333 -11.42 24.16 -15.56
C VAL A 333 -10.04 24.51 -16.07
N VAL A 334 -9.29 23.53 -16.54
CA VAL A 334 -7.87 23.73 -16.89
C VAL A 334 -7.57 23.12 -18.24
N SER A 335 -6.44 23.52 -18.81
CA SER A 335 -5.78 22.76 -19.87
C SER A 335 -4.39 22.44 -19.32
N LEU A 336 -3.85 21.33 -19.76
CA LEU A 336 -2.57 20.77 -19.21
C LEU A 336 -1.60 20.70 -20.38
N ARG A 337 -0.54 21.50 -20.30
CA ARG A 337 0.42 21.66 -21.41
C ARG A 337 1.66 20.80 -21.21
N VAL A 338 2.04 20.07 -22.24
CA VAL A 338 3.28 19.27 -22.28
C VAL A 338 4.49 20.17 -22.09
N THR A 339 5.49 19.71 -21.33
CA THR A 339 6.69 20.52 -21.05
C THR A 339 7.93 19.88 -21.66
N THR A 340 7.82 18.73 -22.24
CA THR A 340 8.93 18.00 -22.84
C THR A 340 9.42 18.80 -24.04
N PRO A 341 10.70 19.16 -24.09
CA PRO A 341 11.22 19.89 -25.26
C PRO A 341 10.90 19.13 -26.54
N GLY A 342 10.40 19.88 -27.54
CA GLY A 342 9.98 19.32 -28.83
C GLY A 342 8.49 19.07 -28.89
N TYR A 343 7.78 19.16 -27.76
CA TYR A 343 6.35 18.81 -27.65
C TYR A 343 5.61 19.90 -26.87
N THR A 344 6.22 21.07 -26.68
CA THR A 344 5.74 22.07 -25.72
C THR A 344 4.51 22.85 -26.23
N THR A 345 4.07 22.65 -27.48
CA THR A 345 2.80 23.28 -27.97
C THR A 345 1.66 22.27 -27.87
N ARG A 346 1.90 21.09 -27.29
CA ARG A 346 0.85 20.05 -27.16
C ARG A 346 0.22 20.11 -25.78
N TYR A 347 -1.03 19.70 -25.72
CA TYR A 347 -1.88 19.67 -24.52
C TYR A 347 -2.53 18.30 -24.40
N ILE A 348 -2.86 17.91 -23.14
CA ILE A 348 -3.59 16.66 -22.90
C ILE A 348 -5.00 16.85 -23.45
N ALA A 349 -5.34 15.98 -24.35
CA ALA A 349 -6.66 16.02 -25.00
C ALA A 349 -7.19 14.61 -25.11
N HIS A 350 -8.24 14.38 -25.90
CA HIS A 350 -8.68 13.01 -26.11
C HIS A 350 -9.36 12.94 -27.48
N THR A 351 -9.33 11.75 -28.03
CA THR A 351 -10.09 11.37 -29.26
C THR A 351 -10.98 10.21 -28.84
N ASP A 352 -12.24 10.48 -28.58
CA ASP A 352 -13.16 9.53 -27.93
C ASP A 352 -12.49 9.01 -26.65
N THR A 353 -12.34 7.71 -26.46
CA THR A 353 -11.82 7.20 -25.15
C THR A 353 -10.31 7.34 -25.08
N THR A 354 -9.58 7.59 -26.16
CA THR A 354 -8.11 7.64 -26.14
C THR A 354 -7.67 9.01 -25.59
N VAL A 355 -7.00 9.03 -24.44
CA VAL A 355 -6.36 10.28 -23.97
C VAL A 355 -4.99 10.42 -24.63
N ASN A 356 -4.73 11.58 -25.19
CA ASN A 356 -3.55 11.82 -26.05
C ASN A 356 -3.02 13.22 -25.84
N THR A 357 -1.96 13.58 -26.58
CA THR A 357 -1.55 14.97 -26.65
C THR A 357 -1.73 15.42 -28.11
N GLN A 358 -2.13 16.66 -28.21
CA GLN A 358 -2.33 17.35 -29.51
C GLN A 358 -1.91 18.80 -29.37
N VAL A 359 -1.45 19.36 -30.48
CA VAL A 359 -1.24 20.81 -30.61
C VAL A 359 -2.62 21.44 -30.50
N VAL A 360 -2.74 22.38 -29.61
CA VAL A 360 -3.97 23.15 -29.40
C VAL A 360 -3.57 24.62 -29.31
N ASP A 361 -4.21 25.47 -30.10
CA ASP A 361 -4.00 26.92 -29.96
C ASP A 361 -5.30 27.65 -30.25
N ASP A 362 -5.26 28.97 -30.25
CA ASP A 362 -6.49 29.77 -30.39
C ASP A 362 -7.19 29.45 -31.73
N ASP A 363 -6.48 28.95 -32.75
CA ASP A 363 -7.09 28.65 -34.07
C ASP A 363 -7.66 27.23 -34.11
N SER A 364 -7.48 26.42 -33.07
CA SER A 364 -7.98 25.05 -33.09
C SER A 364 -9.50 25.06 -33.15
N SER A 365 -10.07 23.98 -33.64
CA SER A 365 -11.55 23.80 -33.61
C SER A 365 -12.04 23.89 -32.18
N THR A 366 -13.25 24.34 -32.00
CA THR A 366 -13.92 24.37 -30.70
C THR A 366 -14.02 22.93 -30.19
N THR A 367 -14.20 21.94 -31.07
CA THR A 367 -14.29 20.52 -30.66
C THR A 367 -12.99 20.13 -29.93
N LEU A 368 -11.87 20.40 -30.56
CA LEU A 368 -10.57 20.04 -29.93
C LEU A 368 -10.34 20.88 -28.66
N LYS A 369 -10.69 22.16 -28.64
CA LYS A 369 -10.56 23.00 -27.45
C LYS A 369 -11.28 22.38 -26.27
N GLU A 370 -12.47 21.84 -26.49
CA GLU A 370 -13.23 21.19 -25.40
C GLU A 370 -12.52 19.89 -25.00
N GLU A 371 -12.00 19.12 -25.93
CA GLU A 371 -11.29 17.85 -25.67
C GLU A 371 -9.99 18.11 -24.89
N ALA A 372 -9.47 19.31 -24.97
CA ALA A 372 -8.22 19.71 -24.24
C ALA A 372 -8.57 20.50 -22.99
N SER A 373 -9.82 20.48 -22.55
CA SER A 373 -10.25 21.20 -21.35
C SER A 373 -10.82 20.21 -20.35
N TRP A 374 -10.52 20.39 -19.06
CA TRP A 374 -10.81 19.41 -18.00
C TRP A 374 -11.34 20.11 -16.77
N THR A 375 -12.49 19.70 -16.29
CA THR A 375 -13.08 20.17 -15.04
C THR A 375 -12.44 19.34 -13.91
N VAL A 376 -11.82 20.04 -12.99
CA VAL A 376 -11.16 19.34 -11.85
C VAL A 376 -12.21 19.16 -10.77
N VAL A 377 -12.36 17.95 -10.25
CA VAL A 377 -13.32 17.71 -9.18
C VAL A 377 -12.62 16.99 -8.04
N THR A 378 -13.24 17.04 -6.89
CA THR A 378 -12.76 16.27 -5.73
C THR A 378 -12.52 14.83 -6.16
N GLY A 379 -11.37 14.29 -5.72
CA GLY A 379 -11.00 12.92 -6.10
C GLY A 379 -12.08 11.93 -5.74
N LEU A 380 -12.38 11.07 -6.69
CA LEU A 380 -13.49 10.14 -6.52
C LEU A 380 -13.17 9.12 -5.43
N ALA A 381 -11.90 8.71 -5.28
CA ALA A 381 -11.54 7.73 -4.22
C ALA A 381 -10.80 8.34 -3.04
N ASN A 382 -10.43 9.59 -3.12
CA ASN A 382 -9.67 10.24 -2.04
C ASN A 382 -9.92 11.73 -2.12
N SER A 383 -10.50 12.30 -1.06
CA SER A 383 -10.94 13.71 -1.12
C SER A 383 -9.79 14.72 -1.07
N GLN A 384 -8.52 14.33 -0.80
CA GLN A 384 -7.37 15.24 -0.89
C GLN A 384 -6.91 15.37 -2.35
N CYS A 385 -7.20 14.37 -3.16
CA CYS A 385 -6.72 14.24 -4.52
C CYS A 385 -7.85 14.70 -5.45
N PHE A 386 -7.66 14.47 -6.75
CA PHE A 386 -8.55 15.06 -7.78
C PHE A 386 -8.88 14.00 -8.82
N SER A 387 -9.99 14.32 -9.54
CA SER A 387 -10.39 13.58 -10.74
C SER A 387 -10.64 14.61 -11.86
N PHE A 388 -10.40 14.21 -13.10
CA PHE A 388 -10.39 15.14 -14.26
C PHE A 388 -11.54 14.76 -15.19
N GLU A 389 -12.56 15.60 -15.19
CA GLU A 389 -13.82 15.36 -15.94
C GLU A 389 -13.72 16.08 -17.30
N SER A 390 -14.08 15.37 -18.36
CA SER A 390 -14.11 15.91 -19.74
C SER A 390 -15.12 17.08 -19.81
N VAL A 391 -14.71 18.15 -20.49
CA VAL A 391 -15.61 19.29 -20.76
C VAL A 391 -16.63 18.87 -21.85
N ASP A 392 -16.19 18.21 -22.90
CA ASP A 392 -17.12 17.84 -24.02
C ASP A 392 -17.98 16.67 -23.60
N THR A 393 -17.53 15.84 -22.64
CA THR A 393 -18.24 14.60 -22.21
C THR A 393 -18.42 14.60 -20.69
N PRO A 394 -19.34 15.41 -20.15
CA PRO A 394 -19.56 15.48 -18.71
C PRO A 394 -19.96 14.09 -18.21
N GLY A 395 -19.50 13.79 -16.98
CA GLY A 395 -19.73 12.45 -16.41
C GLY A 395 -18.67 11.46 -16.74
N SER A 396 -17.75 11.81 -17.64
CA SER A 396 -16.61 10.97 -18.04
C SER A 396 -15.33 11.58 -17.47
N TYR A 397 -14.44 10.69 -16.99
CA TYR A 397 -13.20 11.09 -16.31
C TYR A 397 -12.03 10.32 -16.90
N ILE A 398 -10.84 10.92 -16.78
CA ILE A 398 -9.57 10.24 -17.07
C ILE A 398 -9.38 9.13 -16.04
N ARG A 399 -9.20 7.92 -16.52
CA ARG A 399 -8.97 6.74 -15.64
C ARG A 399 -7.88 5.91 -16.28
N HIS A 400 -7.11 5.21 -15.47
CA HIS A 400 -6.17 4.23 -16.03
C HIS A 400 -6.85 2.85 -16.14
N TYR A 401 -6.42 2.11 -17.16
CA TYR A 401 -6.92 0.77 -17.49
C TYR A 401 -5.85 0.07 -18.29
N ASN A 402 -5.32 -1.03 -17.78
CA ASN A 402 -4.11 -1.65 -18.35
C ASN A 402 -3.01 -0.59 -18.44
N PHE A 403 -3.04 0.40 -17.53
CA PHE A 403 -2.03 1.48 -17.41
C PHE A 403 -2.02 2.45 -18.61
N GLU A 404 -3.06 2.39 -19.45
CA GLU A 404 -3.32 3.46 -20.42
C GLU A 404 -4.39 4.39 -19.85
N LEU A 405 -4.29 5.68 -20.12
CA LEU A 405 -5.32 6.64 -19.67
C LEU A 405 -6.44 6.68 -20.71
N LEU A 406 -7.63 6.45 -20.21
CA LEU A 406 -8.84 6.40 -21.06
C LEU A 406 -9.84 7.36 -20.48
N LEU A 407 -10.67 7.94 -21.36
CA LEU A 407 -11.80 8.74 -20.92
C LEU A 407 -13.05 7.87 -20.89
N ASN A 408 -13.52 7.52 -19.70
CA ASN A 408 -14.63 6.59 -19.50
C ASN A 408 -15.65 7.20 -18.56
N ALA A 409 -16.90 6.80 -18.71
CA ALA A 409 -17.97 7.26 -17.85
C ALA A 409 -17.83 6.66 -16.44
N ASN A 410 -18.02 7.49 -15.45
CA ASN A 410 -18.08 7.05 -14.02
C ASN A 410 -19.27 6.09 -13.89
N ASP A 411 -19.01 4.84 -13.51
CA ASP A 411 -20.03 3.79 -13.29
C ASP A 411 -20.35 3.63 -11.80
N GLY A 412 -19.89 4.54 -10.94
CA GLY A 412 -20.18 4.66 -9.50
C GLY A 412 -19.41 3.62 -8.68
N THR A 413 -18.64 2.76 -9.29
CA THR A 413 -17.90 1.67 -8.61
C THR A 413 -16.63 2.17 -7.87
N LYS A 414 -16.32 1.49 -6.78
CA LYS A 414 -15.01 1.65 -6.09
C LYS A 414 -13.88 1.52 -7.12
N GLN A 415 -13.85 0.52 -7.97
CA GLN A 415 -12.75 0.34 -8.90
C GLN A 415 -12.57 1.56 -9.85
N PHE A 416 -13.64 2.03 -10.47
CA PHE A 416 -13.54 3.24 -11.31
C PHE A 416 -13.00 4.41 -10.51
N HIS A 417 -13.56 4.66 -9.33
CA HIS A 417 -13.15 5.78 -8.47
C HIS A 417 -11.64 5.73 -8.27
N GLU A 418 -11.16 4.55 -7.90
CA GLU A 418 -9.70 4.38 -7.61
C GLU A 418 -8.86 4.61 -8.86
N ASP A 419 -9.34 4.10 -10.03
CA ASP A 419 -8.60 4.19 -11.31
C ASP A 419 -8.64 5.63 -11.83
N ALA A 420 -9.51 6.49 -11.28
CA ALA A 420 -9.74 7.87 -11.78
C ALA A 420 -9.26 8.94 -10.79
N THR A 421 -8.50 8.56 -9.75
CA THR A 421 -8.05 9.53 -8.74
C THR A 421 -6.56 9.75 -8.87
N PHE A 422 -6.17 11.00 -8.93
CA PHE A 422 -4.75 11.39 -9.14
C PHE A 422 -4.41 12.46 -8.14
N CYS A 423 -3.18 12.38 -7.64
CA CYS A 423 -2.68 13.26 -6.58
C CYS A 423 -1.64 14.18 -7.16
N PRO A 424 -1.87 15.51 -7.19
CA PRO A 424 -0.91 16.42 -7.76
C PRO A 424 0.36 16.36 -6.90
N GLN A 425 1.46 16.46 -7.63
CA GLN A 425 2.82 16.50 -7.02
C GLN A 425 3.59 17.62 -7.71
N ALA A 426 4.36 18.39 -6.97
CA ALA A 426 5.24 19.39 -7.62
C ALA A 426 5.95 18.71 -8.79
N ALA A 427 5.93 19.30 -10.00
CA ALA A 427 6.44 18.64 -11.19
C ALA A 427 7.89 18.16 -10.99
N LEU A 428 8.17 16.98 -11.47
CA LEU A 428 9.53 16.42 -11.35
C LEU A 428 10.56 17.31 -12.07
N ASN A 429 10.17 18.03 -13.13
CA ASN A 429 11.13 18.95 -13.80
C ASN A 429 10.95 20.39 -13.36
N GLY A 430 10.12 20.68 -12.36
CA GLY A 430 9.85 22.04 -11.88
C GLY A 430 8.91 22.86 -12.74
N GLU A 431 8.31 22.28 -13.78
CA GLU A 431 7.38 23.03 -14.65
C GLU A 431 5.95 22.52 -14.42
N GLY A 432 5.27 23.08 -13.44
CA GLY A 432 3.85 22.80 -13.14
C GLY A 432 3.69 21.61 -12.21
N THR A 433 2.92 20.62 -12.64
CA THR A 433 2.45 19.52 -11.79
C THR A 433 2.83 18.20 -12.43
N SER A 434 3.04 17.18 -11.61
CA SER A 434 3.03 15.78 -12.02
C SER A 434 1.77 15.18 -11.38
N LEU A 435 1.07 14.30 -12.06
CA LEU A 435 -0.19 13.76 -11.52
C LEU A 435 0.02 12.28 -11.21
N ARG A 436 0.16 11.97 -9.92
CA ARG A 436 0.49 10.60 -9.48
C ARG A 436 -0.80 9.81 -9.31
N SER A 437 -0.84 8.58 -9.79
CA SER A 437 -1.98 7.68 -9.56
C SER A 437 -2.14 7.47 -8.06
N TRP A 438 -3.34 7.69 -7.50
CA TRP A 438 -3.59 7.33 -6.10
C TRP A 438 -3.51 5.82 -5.93
N SER A 439 -4.08 5.03 -6.84
CA SER A 439 -4.19 3.58 -6.61
C SER A 439 -2.85 2.87 -6.95
N TYR A 440 -2.06 3.43 -7.84
CA TYR A 440 -0.74 2.89 -8.25
C TYR A 440 0.27 4.00 -8.16
N PRO A 441 0.74 4.37 -6.94
CA PRO A 441 1.57 5.54 -6.80
C PRO A 441 3.00 5.48 -7.34
N THR A 442 3.36 4.33 -7.90
CA THR A 442 4.58 4.25 -8.71
C THR A 442 4.35 4.85 -10.11
N ARG A 443 3.09 5.16 -10.43
CA ARG A 443 2.75 5.61 -11.80
C ARG A 443 2.16 7.00 -11.82
N TYR A 444 2.42 7.66 -12.95
CA TYR A 444 2.11 9.06 -13.18
C TYR A 444 1.52 9.24 -14.57
N PHE A 445 0.65 10.24 -14.71
CA PHE A 445 0.34 10.73 -16.10
C PHE A 445 1.66 10.85 -16.86
N ARG A 446 1.77 10.21 -18.01
CA ARG A 446 3.02 10.24 -18.79
C ARG A 446 2.66 10.14 -20.28
N HIS A 447 3.13 11.10 -21.08
CA HIS A 447 2.93 11.02 -22.55
C HIS A 447 4.07 10.20 -23.16
N TYR A 448 3.70 9.33 -24.08
CA TYR A 448 4.63 8.43 -24.80
C TYR A 448 4.04 8.21 -26.21
N GLU A 449 4.82 8.66 -27.19
CA GLU A 449 4.38 8.73 -28.63
C GLU A 449 3.03 9.47 -28.68
N ASN A 450 2.90 10.54 -27.91
CA ASN A 450 1.72 11.42 -27.90
C ASN A 450 0.46 10.73 -27.42
N VAL A 451 0.56 9.67 -26.61
CA VAL A 451 -0.57 8.98 -25.98
C VAL A 451 -0.30 9.01 -24.45
N LEU A 452 -1.38 9.12 -23.69
CA LEU A 452 -1.25 9.21 -22.19
C LEU A 452 -1.35 7.83 -21.57
N TYR A 453 -0.43 7.60 -20.62
CA TYR A 453 -0.37 6.36 -19.82
C TYR A 453 -0.21 6.74 -18.34
N ALA A 454 -0.47 5.76 -17.50
CA ALA A 454 -0.03 5.80 -16.08
C ALA A 454 1.28 5.00 -16.06
N ALA A 455 2.38 5.71 -16.20
CA ALA A 455 3.72 5.09 -16.41
C ALA A 455 4.54 5.20 -15.13
N SER A 456 5.37 4.18 -14.95
CA SER A 456 6.43 4.19 -13.92
C SER A 456 7.75 4.62 -14.54
N ASN A 457 8.68 5.06 -13.67
CA ASN A 457 10.03 5.50 -14.03
C ASN A 457 10.88 4.24 -14.19
N GLY A 458 10.88 3.65 -15.38
CA GLY A 458 11.33 2.28 -15.58
C GLY A 458 10.26 1.28 -15.24
N GLY A 459 10.22 0.19 -15.98
CA GLY A 459 9.22 -0.85 -15.76
C GLY A 459 9.08 -1.75 -16.94
N VAL A 460 8.16 -2.67 -16.86
CA VAL A 460 8.02 -3.71 -17.88
C VAL A 460 7.25 -3.20 -19.10
N GLN A 461 6.52 -2.09 -19.02
CA GLN A 461 5.77 -1.61 -20.21
C GLN A 461 6.72 -0.77 -21.05
N THR A 462 6.49 -0.69 -22.38
CA THR A 462 7.34 0.17 -23.22
CA THR A 462 7.27 0.18 -23.28
C THR A 462 7.21 1.63 -22.79
N PHE A 463 6.02 2.06 -22.34
CA PHE A 463 5.77 3.47 -21.98
C PHE A 463 6.26 3.78 -20.54
N ASP A 464 6.90 2.81 -19.90
CA ASP A 464 7.63 3.06 -18.63
C ASP A 464 9.07 3.43 -18.92
N SER A 465 9.41 3.80 -20.17
CA SER A 465 10.81 4.22 -20.47
C SER A 465 11.34 5.26 -19.51
N LYS A 466 12.58 5.08 -19.02
CA LYS A 466 13.23 6.12 -18.23
C LYS A 466 13.61 7.32 -19.06
N THR A 467 13.78 7.14 -20.36
CA THR A 467 14.15 8.27 -21.24
C THR A 467 13.06 9.34 -21.19
N SER A 468 13.44 10.53 -20.78
CA SER A 468 12.57 11.72 -20.78
C SER A 468 11.45 11.55 -19.74
N PHE A 469 11.64 10.68 -18.75
CA PHE A 469 10.53 10.38 -17.79
C PHE A 469 10.14 11.67 -17.08
N ASN A 470 11.08 12.33 -16.43
CA ASN A 470 10.77 13.50 -15.61
C ASN A 470 10.02 14.54 -16.47
N ASN A 471 10.51 14.82 -17.68
CA ASN A 471 9.83 15.84 -18.54
C ASN A 471 8.43 15.34 -18.96
N ASP A 472 8.31 14.07 -19.29
CA ASP A 472 7.08 13.47 -19.87
C ASP A 472 6.00 13.30 -18.80
N VAL A 473 6.31 13.51 -17.51
CA VAL A 473 5.29 13.48 -16.44
C VAL A 473 5.08 14.86 -15.84
N SER A 474 5.58 15.93 -16.45
CA SER A 474 5.44 17.28 -15.93
C SER A 474 4.56 18.08 -16.89
N PHE A 475 3.52 18.69 -16.37
CA PHE A 475 2.53 19.45 -17.18
C PHE A 475 2.27 20.78 -16.55
N GLU A 476 2.25 21.85 -17.36
CA GLU A 476 1.86 23.18 -16.87
C GLU A 476 0.35 23.32 -16.87
N ILE A 477 -0.18 23.90 -15.82
CA ILE A 477 -1.63 24.13 -15.62
C ILE A 477 -1.93 25.49 -16.23
N GLU A 478 -2.78 25.49 -17.24
CA GLU A 478 -3.14 26.72 -17.98
C GLU A 478 -4.65 26.90 -17.93
N THR A 479 -5.05 28.14 -18.20
CA THR A 479 -6.47 28.46 -18.50
C THR A 479 -7.03 27.46 -19.50
N ALA A 480 -8.23 26.97 -19.26
CA ALA A 480 -8.90 26.03 -20.19
C ALA A 480 -9.17 26.75 -21.52
N PHE A 481 -8.95 26.04 -22.60
CA PHE A 481 -9.34 26.53 -23.94
C PHE A 481 -10.85 26.73 -24.03
N ALA A 482 -11.67 25.95 -23.35
CA ALA A 482 -13.14 25.96 -23.43
C ALA A 482 -13.77 25.65 -22.08
C1 NAG B . -15.79 -5.83 -2.06
C2 NAG B . -16.88 -6.70 -2.75
C3 NAG B . -17.26 -6.07 -4.10
C4 NAG B . -17.70 -4.63 -3.92
C5 NAG B . -16.54 -3.93 -3.13
C6 NAG B . -16.83 -2.47 -2.91
C7 NAG B . -17.07 -9.14 -2.50
C8 NAG B . -16.39 -10.39 -2.84
N2 NAG B . -16.44 -8.06 -2.97
O3 NAG B . -18.39 -6.89 -4.58
O4 NAG B . -17.75 -3.92 -5.16
O5 NAG B . -16.36 -4.52 -1.87
O6 NAG B . -18.03 -2.28 -2.20
O7 NAG B . -18.06 -9.11 -1.77
H1 NAG B . -14.83 -5.74 -2.59
H2 NAG B . -17.78 -6.73 -2.12
H3 NAG B . -16.37 -6.08 -4.75
H4 NAG B . -18.62 -4.52 -3.34
H5 NAG B . -15.61 -4.02 -3.71
H61 NAG B . -16.91 -1.97 -3.87
H62 NAG B . -16.02 -2.03 -2.33
H81 NAG B . -15.41 -10.39 -2.44
H82 NAG B . -16.93 -11.21 -2.43
H83 NAG B . -16.33 -10.50 -3.89
HN2 NAG B . -15.60 -8.21 -3.52
HO3 NAG B . -18.70 -6.55 -5.42
HO6 NAG B . -18.18 -1.32 -2.08
C1 NAG B . -18.87 -4.26 -6.05
C2 NAG B . -19.34 -2.96 -6.72
C3 NAG B . -20.49 -3.27 -7.71
C4 NAG B . -19.99 -4.27 -8.74
C5 NAG B . -19.39 -5.51 -8.04
C6 NAG B . -18.71 -6.42 -9.05
C7 NAG B . -19.00 -0.87 -5.54
C8 NAG B . -19.54 0.02 -4.51
N2 NAG B . -19.69 -1.99 -5.76
O3 NAG B . -20.86 -2.07 -8.41
O4 NAG B . -21.06 -4.56 -9.67
O5 NAG B . -18.39 -5.17 -7.03
O6 NAG B . -17.78 -7.30 -8.37
O7 NAG B . -17.93 -0.73 -6.16
H1 NAG B . -18.77 -4.72 -5.06
H2 NAG B . -18.50 -2.53 -7.28
H3 NAG B . -21.33 -3.73 -7.17
H4 NAG B . -19.19 -3.79 -9.32
H5 NAG B . -20.24 -6.02 -7.56
H61 NAG B . -18.17 -5.82 -9.78
H62 NAG B . -19.46 -7.02 -9.56
H81 NAG B . -19.58 -0.48 -3.59
H82 NAG B . -18.91 0.87 -4.42
H83 NAG B . -20.50 0.33 -4.79
HN2 NAG B . -20.52 -2.14 -5.20
HO3 NAG B . -21.55 -2.27 -9.04
HO4 NAG B . -20.74 -5.15 -10.36
HO6 NAG B . -17.35 -7.88 -9.01
N ALA C . -15.82 26.48 -21.51
CA ALA C . -16.06 25.92 -20.16
C ALA C . -17.55 25.64 -20.02
O ALA C . -18.09 25.07 -20.98
CB ALA C . -15.55 26.88 -19.10
H1 ALA C . -15.46 27.31 -21.44
H2 ALA C . -16.65 26.53 -21.99
H3 ALA C . -15.21 25.90 -21.99
HA ALA C . -15.53 25.09 -20.06
HB1 ALA C . -15.71 26.52 -18.23
HB2 ALA C . -14.59 27.02 -19.23
HB3 ALA C . -16.02 27.73 -19.19
C1 NAG D . 12.77 19.78 -8.80
C2 NAG D . 13.13 20.91 -9.77
C3 NAG D . 12.83 22.27 -9.12
C4 NAG D . 11.39 22.32 -8.58
C5 NAG D . 11.01 21.04 -7.83
C6 NAG D . 9.49 20.98 -7.53
C7 NAG D . 14.88 20.20 -11.35
C8 NAG D . 16.34 20.06 -11.61
N2 NAG D . 14.53 20.79 -10.19
O3 NAG D . 13.04 23.37 -10.08
O4 NAG D . 11.17 23.50 -7.80
O5 NAG D . 11.35 19.84 -8.53
O6 NAG D . 8.73 21.09 -8.77
O7 NAG D . 14.04 19.79 -12.15
H1 NAG D . 13.33 19.97 -7.87
H2 NAG D . 12.52 20.81 -10.67
H3 NAG D . 13.52 22.43 -8.29
H4 NAG D . 10.71 22.42 -9.44
H5 NAG D . 11.55 21.08 -6.87
H61 NAG D . 9.22 21.80 -6.87
H62 NAG D . 9.26 20.03 -7.04
H81 NAG D . 16.79 19.49 -10.86
H82 NAG D . 16.48 19.59 -12.54
H83 NAG D . 16.78 21.03 -11.64
HN2 NAG D . 15.25 21.16 -9.60
HO3 NAG D . 12.90 24.22 -9.63
HO4 NAG D . 10.24 23.57 -7.57
HO6 NAG D . 7.79 21.04 -8.58
S SO4 E . 15.36 23.46 -6.02
O1 SO4 E . 14.94 24.25 -7.15
O2 SO4 E . 16.79 23.49 -5.92
O3 SO4 E . 14.78 24.00 -4.81
O4 SO4 E . 14.92 22.10 -6.19
S SO4 F . -17.48 4.85 -21.74
O1 SO4 F . -18.48 5.87 -21.75
O2 SO4 F . -16.36 5.20 -22.50
O3 SO4 F . -17.99 3.67 -22.36
O4 SO4 F . -17.12 4.56 -20.35
C1' LXE G . -2.99 -20.42 -0.60
C2' LXE G . -2.31 -19.06 -0.49
O2' LXE G . -1.01 -19.16 -0.04
C3' LXE G . -3.21 -18.38 0.45
O3' LXE G . -2.84 -16.94 0.52
C4' LXE G . -4.54 -18.57 -0.23
C5' LXE G . -5.72 -18.47 0.72
O5' LXE G . -5.63 -19.32 1.84
C6' LXE G . -4.40 -19.99 -0.90
N1' LXE G . -4.64 -19.79 -2.35
H1' LXE G . -2.43 -21.03 -1.32
H2' LXE G . -2.28 -18.60 -1.49
HB LXE G . -0.47 -19.62 -0.71
H3' LXE G . -3.13 -18.90 1.42
HC LXE G . -1.99 -16.84 0.96
H4' LXE G . -4.69 -17.83 -1.04
H5'1 LXE G . -6.63 -18.74 0.19
H5'2 LXE G . -5.80 -17.45 1.09
H5' LXE G . -6.51 -19.69 2.03
H6' LXE G . -5.15 -20.66 -0.44
HN1' LXE G . -4.82 -18.79 -2.54
HN11 LXE G . -5.45 -20.34 -2.66
HN12 LXE G . -3.81 -20.08 -2.89
C ACT H . -6.52 9.42 3.22
O ACT H . -5.20 9.01 3.00
OXT ACT H . -7.55 8.73 3.85
CH3 ACT H . -6.81 10.90 2.87
H1 ACT H . -7.71 11.14 3.15
H2 ACT H . -6.73 11.03 1.91
H3 ACT H . -6.17 11.47 3.32
C1 PEG I . -14.76 11.08 -1.22
O1 PEG I . -14.72 12.22 -2.06
C2 PEG I . -13.70 10.12 -1.54
O2 PEG I . -13.23 9.50 -0.35
C3 PEG I . -12.59 10.41 0.56
C4 PEG I . -11.59 9.73 1.37
O4 PEG I . -10.43 10.49 1.54
H11 PEG I . -15.63 10.63 -1.33
H12 PEG I . -14.66 11.37 -0.29
HO1 PEG I . -15.35 12.74 -1.86
H21 PEG I . -12.96 10.57 -1.98
H22 PEG I . -14.05 9.43 -2.13
H31 PEG I . -13.27 10.81 1.16
H32 PEG I . -12.15 11.12 0.06
H41 PEG I . -11.33 8.88 0.94
H42 PEG I . -11.97 9.54 2.26
HO4 PEG I . -10.51 11.23 1.14
C1 PGE J . 21.72 -4.61 10.03
O1 PGE J . 23.15 -4.60 10.04
C2 PGE J . 21.16 -4.34 8.67
O2 PGE J . 21.50 -3.01 8.27
C3 PGE J . 20.79 -2.58 7.14
C4 PGE J . 21.39 -1.32 6.62
O4 PGE J . 25.77 -1.17 5.77
C6 PGE J . 24.65 -0.94 4.91
C5 PGE J . 23.40 -0.50 5.65
O3 PGE J . 22.64 -1.63 6.06
H1 PGE J . 21.39 -3.91 10.63
H12 PGE J . 21.40 -5.48 10.33
HO1 PGE J . 23.42 -4.77 10.82
H2 PGE J . 20.19 -4.44 8.68
H22 PGE J . 21.55 -4.98 8.03
H3 PGE J . 19.85 -2.42 7.37
H32 PGE J . 20.82 -3.27 6.44
H4 PGE J . 21.51 -0.69 7.37
H42 PGE J . 20.80 -0.93 5.96
HO4 PGE J . 25.54 -1.00 6.57
H6 PGE J . 24.44 -1.79 4.45
H62 PGE J . 24.87 -0.26 4.26
H5 PGE J . 22.85 0.06 5.06
H52 PGE J . 23.65 0.02 6.44
C1 PEG K . 16.88 -5.85 20.41
O1 PEG K . 17.05 -7.24 20.41
C2 PEG K . 16.88 -5.26 19.09
O2 PEG K . 16.90 -3.85 19.22
C3 PEG K . 18.23 -3.39 19.35
C4 PEG K . 18.24 -2.00 19.79
O4 PEG K . 19.52 -1.66 20.31
H11 PEG K . 17.61 -5.44 20.93
H12 PEG K . 16.02 -5.63 20.83
HO1 PEG K . 17.04 -7.53 21.20
H21 PEG K . 16.07 -5.54 18.61
H22 PEG K . 17.67 -5.57 18.59
H31 PEG K . 18.69 -3.45 18.48
H32 PEG K . 18.72 -3.93 20.01
H41 PEG K . 17.57 -1.88 20.49
H42 PEG K . 18.04 -1.43 19.03
HO4 PEG K . 20.03 -2.33 20.27
S SO4 L . 0.91 -31.23 5.44
O1 SO4 L . -0.16 -30.29 5.09
O2 SO4 L . 2.07 -30.82 4.66
O3 SO4 L . 0.49 -32.52 4.93
O4 SO4 L . 1.16 -31.23 6.81
C1 PEG M . 4.34 -30.09 12.51
O1 PEG M . 2.98 -29.96 12.89
C2 PEG M . 4.52 -30.06 11.02
O2 PEG M . 5.75 -29.39 10.72
C3 PEG M . 5.63 -28.24 9.89
C4 PEG M . 6.96 -27.82 9.36
O4 PEG M . 6.89 -27.62 7.97
H11 PEG M . 4.68 -30.95 12.84
H12 PEG M . 4.85 -29.36 12.90
HO1 PEG M . 2.92 -29.99 13.73
H21 PEG M . 3.77 -29.57 10.61
H22 PEG M . 4.54 -30.97 10.67
H31 PEG M . 5.24 -27.50 10.39
H32 PEG M . 5.04 -28.44 9.12
H41 PEG M . 7.62 -28.52 9.56
H42 PEG M . 7.21 -26.98 9.80
HO4 PEG M . 6.11 -27.78 7.70
C1 EDO N . 9.93 -26.25 6.27
O1 EDO N . 9.88 -25.72 4.96
C2 EDO N . 10.32 -25.24 7.29
O2 EDO N . 10.37 -25.80 8.61
H11 EDO N . 10.60 -26.97 6.28
H12 EDO N . 9.05 -26.60 6.50
HO1 EDO N . 9.66 -26.33 4.42
H21 EDO N . 9.65 -24.52 7.29
H22 EDO N . 11.20 -24.88 7.06
HO2 EDO N . 10.17 -26.62 8.57
C1 EDO O . 18.82 -9.28 3.12
O1 EDO O . 17.50 -9.84 3.16
C2 EDO O . 18.98 -7.85 2.70
O2 EDO O . 20.02 -7.14 3.44
H11 EDO O . 19.37 -9.81 2.50
H12 EDO O . 19.21 -9.33 4.03
HO1 EDO O . 17.54 -10.65 3.41
H21 EDO O . 18.14 -7.38 2.84
H22 EDO O . 19.22 -7.83 1.76
HO2 EDO O . 20.37 -7.66 4.00
C1 EDO P . -17.80 -15.25 15.95
O1 EDO P . -18.97 -15.54 15.16
C2 EDO P . -16.44 -15.78 15.57
O2 EDO P . -15.34 -14.88 15.06
H11 EDO P . -17.93 -15.59 16.85
H12 EDO P . -17.66 -14.28 15.96
HO1 EDO P . -19.64 -15.16 15.52
H21 EDO P . -16.54 -16.44 14.84
H22 EDO P . -16.04 -16.20 16.35
HO2 EDO P . -15.62 -14.09 15.03
C1 PGE Q . -24.29 17.25 -23.16
O1 PGE Q . -25.60 17.74 -22.89
C2 PGE Q . -23.24 18.06 -22.48
O2 PGE Q . -22.82 19.13 -23.31
C3 PGE Q . -21.52 19.60 -23.00
C4 PGE Q . -21.21 20.82 -23.80
O4 PGE Q . -19.06 24.40 -22.99
C6 PGE Q . -19.32 23.31 -23.83
C5 PGE Q . -19.32 22.03 -23.08
O3 PGE Q . -19.80 20.98 -23.92
H1 PGE Q . -24.13 17.29 -24.13
H12 PGE Q . -24.23 16.32 -22.85
HO1 PGE Q . -26.17 17.26 -23.29
H2 PGE Q . -22.47 17.49 -22.27
H22 PGE Q . -23.60 18.43 -21.64
H3 PGE Q . -20.86 18.90 -23.19
H32 PGE Q . -21.47 19.82 -22.04
H4 PGE Q . -21.59 21.61 -23.36
H42 PGE Q . -21.60 20.73 -24.70
HO4 PGE Q . -18.95 24.13 -22.20
H6 PGE Q . -18.63 23.27 -24.52
H62 PGE Q . -20.20 23.43 -24.25
H5 PGE Q . -19.90 22.10 -22.29
H52 PGE Q . -18.41 21.81 -22.80
S SO4 R . 0.63 15.38 -34.83
O1 SO4 R . 0.28 15.27 -36.23
O2 SO4 R . 0.67 16.78 -34.47
O3 SO4 R . -0.37 14.66 -34.03
O4 SO4 R . 1.93 14.80 -34.64
C2 PEG S . -2.32 12.52 -32.38
O2 PEG S . -2.27 11.68 -31.24
C3 PEG S . -1.44 10.53 -31.36
C4 PEG S . -2.26 9.30 -31.29
O4 PEG S . -1.59 8.17 -31.82
H22 PEG S . -1.42 12.88 -32.57
H31 PEG S . -0.97 10.56 -32.21
H32 PEG S . -0.78 10.53 -30.63
H41 PEG S . -2.48 9.13 -30.34
H42 PEG S . -3.08 9.45 -31.79
HO4 PEG S . -2.09 7.48 -31.75
C ACT T . -8.56 20.61 -34.87
O ACT T . -8.31 21.85 -34.59
OXT ACT T . -9.72 20.06 -34.85
CH3 ACT T . -7.41 19.70 -35.29
H1 ACT T . -6.59 20.20 -35.29
H2 ACT T . -7.59 19.34 -36.18
H3 ACT T . -7.34 18.96 -34.66
C1 PEG U . -6.94 -4.33 -16.11
C2 PEG U . -7.02 -3.14 -15.17
O2 PEG U . -5.80 -2.37 -15.24
C3 PEG U . -5.56 -1.60 -14.06
C4 PEG U . -4.30 -0.83 -14.24
O4 PEG U . -4.53 0.30 -15.13
H12 PEG U . -6.78 -4.01 -17.03
H21 PEG U . -7.14 -3.45 -14.26
H22 PEG U . -7.77 -2.57 -15.43
H31 PEG U . -5.45 -2.19 -13.29
H32 PEG U . -6.29 -0.98 -13.89
H41 PEG U . -3.62 -1.41 -14.64
H42 PEG U . -4.00 -0.49 -13.37
HO4 PEG U . -5.34 0.31 -15.37
C1 PEG V . 6.12 12.13 -26.97
O1 PEG V . 5.03 11.53 -26.30
C2 PEG V . 7.41 11.44 -26.67
O2 PEG V . 7.32 10.06 -27.01
C3 PEG V . 8.44 9.58 -27.75
C4 PEG V . 8.75 8.18 -27.38
O4 PEG V . 9.06 7.39 -28.51
H11 PEG V . 6.19 13.06 -26.68
H12 PEG V . 5.96 12.10 -27.93
HO1 PEG V . 4.32 11.95 -26.49
H21 PEG V . 7.61 11.51 -25.72
H22 PEG V . 8.13 11.85 -27.20
H31 PEG V . 9.23 10.14 -27.56
H32 PEG V . 8.25 9.62 -28.71
H41 PEG V . 7.97 7.80 -26.94
H42 PEG V . 9.52 8.18 -26.77
HO4 PEG V . 9.02 7.86 -29.21
C1 EDO W . 2.02 0.74 -26.41
O1 EDO W . 2.03 -0.47 -25.66
C2 EDO W . 3.28 1.52 -26.45
O2 EDO W . 3.90 1.67 -27.75
H11 EDO W . 1.35 1.35 -26.02
H12 EDO W . 1.79 0.54 -27.34
HO1 EDO W . 1.27 -0.84 -25.69
H21 EDO W . 3.94 1.06 -25.89
H22 EDO W . 3.12 2.42 -26.12
HO2 EDO W . 3.43 1.28 -28.33
C1 PEG X . -8.72 29.28 -14.19
C2 PEG X . -7.71 28.18 -14.13
O2 PEG X . -6.39 28.69 -14.25
C3 PEG X . -5.39 27.69 -14.34
C4 PEG X . -4.08 28.32 -14.19
O4 PEG X . -3.78 29.20 -15.24
H12 PEG X . -8.54 29.92 -13.47
H21 PEG X . -7.87 27.54 -14.86
H22 PEG X . -7.80 27.70 -13.27
H31 PEG X . -5.46 27.25 -15.22
H32 PEG X . -5.52 27.03 -13.63
H41 PEG X . -3.38 27.61 -14.19
H42 PEG X . -4.04 28.81 -13.35
HO4 PEG X . -4.43 29.22 -15.78
C1 PEG Y . 4.91 17.94 19.46
C2 PEG Y . 5.78 16.96 20.16
O2 PEG Y . 5.76 15.73 19.43
C3 PEG Y . 6.91 14.90 19.57
C4 PEG Y . 7.36 14.40 18.23
O4 PEG Y . 8.68 13.90 18.30
H21 PEG Y . 6.70 17.29 20.20
H22 PEG Y . 5.45 16.81 21.07
H31 PEG Y . 7.62 15.42 19.99
H32 PEG Y . 6.68 14.14 20.15
H41 PEG Y . 6.76 13.68 17.95
H42 PEG Y . 7.33 15.14 17.59
HO4 PEG Y . 8.92 13.63 17.53
C1 PEG Z . 6.20 -13.75 -16.00
C2 PEG Z . 7.06 -12.55 -16.23
O2 PEG Z . 6.35 -11.34 -16.00
C3 PEG Z . 7.03 -10.20 -16.53
C4 PEG Z . 6.41 -9.78 -17.79
O4 PEG Z . 7.21 -8.86 -18.49
H12 PEG Z . 5.43 -13.71 -16.61
H12 PEG Z . 5.86 -13.74 -15.08
H21 PEG Z . 7.39 -12.56 -17.15
H22 PEG Z . 7.84 -12.59 -15.62
H31 PEG Z . 7.97 -10.41 -16.68
H32 PEG Z . 6.97 -9.46 -15.88
H41 PEG Z . 5.55 -9.35 -17.60
H42 PEG Z . 6.28 -10.55 -18.36
HO4 PEG Z . 7.91 -8.70 -18.04
C1 EDO AA . 17.98 -3.86 -4.04
O1 EDO AA . 18.28 -3.71 -2.63
C2 EDO AA . 18.79 -3.07 -5.02
H11 EDO AA . 17.05 -3.60 -4.20
H12 EDO AA . 18.12 -4.80 -4.30
HO1 EDO AA . 17.76 -4.20 -2.18
H21 EDO AA . 19.71 -3.00 -4.70
H22 EDO AA . 18.40 -2.17 -5.10
C1 EDO BA . 0.47 -22.99 22.97
O1 EDO BA . 0.88 -23.67 21.89
C2 EDO BA . 1.61 -22.60 23.78
O2 EDO BA . 1.43 -21.25 24.17
H11 EDO BA . -0.11 -23.56 23.51
H12 EDO BA . 0.00 -22.19 22.68
HO1 EDO BA . 0.21 -23.89 21.43
H21 EDO BA . 2.43 -22.68 23.24
H22 EDO BA . 1.66 -23.18 24.57
HO2 EDO BA . 0.70 -20.96 23.85
C1 EDO CA . -23.71 6.11 -11.18
O1 EDO CA . -23.70 4.96 -12.00
C2 EDO CA . -23.09 7.26 -11.86
O2 EDO CA . -22.91 8.35 -11.00
H11 EDO CA . -23.22 5.90 -10.36
H12 EDO CA . -24.65 6.33 -10.96
HO1 EDO CA . -24.06 4.32 -11.59
H21 EDO CA . -23.67 7.54 -12.60
H22 EDO CA . -22.21 7.00 -12.20
HO2 EDO CA . -23.21 8.16 -10.22
C1 EDO DA . 18.31 9.39 21.50
O1 EDO DA . 17.49 10.45 22.15
C2 EDO DA . 18.86 9.82 20.17
O2 EDO DA . 20.11 9.26 19.84
H11 EDO DA . 17.75 8.60 21.36
H12 EDO DA . 19.06 9.18 22.09
HO1 EDO DA . 17.21 10.17 22.89
H21 EDO DA . 18.97 10.79 20.16
H22 EDO DA . 18.23 9.55 19.46
HO2 EDO DA . 20.37 8.76 20.47
C1 PGE EA . 18.76 7.72 6.99
O1 PGE EA . 18.48 8.34 8.28
C2 PGE EA . 19.67 8.49 6.01
O2 PGE EA . 18.96 9.06 4.88
C3 PGE EA . 19.43 8.69 3.55
C4 PGE EA . 20.43 9.57 2.96
O4 PGE EA . 20.29 13.56 4.16
C6 PGE EA . 20.36 12.56 5.16
C5 PGE EA . 20.72 11.19 4.66
O3 PGE EA . 20.20 10.92 3.38
H1 PGE EA . 17.92 7.58 6.52
H12 PGE EA . 19.21 6.85 7.14
HO1 PGE EA . 17.98 7.83 8.73
H2 PGE EA . 20.34 7.88 5.64
H22 PGE EA . 20.11 9.23 6.48
H3 PGE EA . 18.67 8.68 2.93
H32 PGE EA . 19.83 7.79 3.57
H4 PGE EA . 20.36 9.52 1.98
H42 PGE EA . 21.32 9.28 3.24
HO4 PGE EA . 20.47 13.22 3.41
H6 PGE EA . 19.48 12.48 5.59
H62 PGE EA . 21.04 12.81 5.82
H5 PGE EA . 20.36 10.51 5.28
H52 PGE EA . 21.69 11.10 4.62
C1 EDO FA . -21.58 -11.22 2.16
O1 EDO FA . -21.30 -12.29 1.26
C2 EDO FA . -20.78 -10.01 1.91
O2 EDO FA . -21.58 -8.92 1.55
H11 EDO FA . -21.38 -11.52 3.07
H12 EDO FA . -22.52 -10.98 2.06
HO1 EDO FA . -21.78 -12.95 1.45
H21 EDO FA . -20.16 -10.18 1.17
H22 EDO FA . -20.28 -9.78 2.72
HO2 EDO FA . -22.40 -9.15 1.55
#